data_7ESV
#
_entry.id   7ESV
#
_cell.length_a   155.630
_cell.length_b   67.930
_cell.length_c   107.650
_cell.angle_alpha   90.000
_cell.angle_beta   128.940
_cell.angle_gamma   90.000
#
_symmetry.space_group_name_H-M   'C 1 2 1'
#
loop_
_entity.id
_entity.type
_entity.pdbx_description
1 polymer 'Packaging NTPase'
2 non-polymer 'D(-)-TARTARIC ACID'
3 water water
#
_entity_poly.entity_id   1
_entity_poly.type   'polypeptide(L)'
_entity_poly.pdbx_seq_one_letter_code
;MTDNKRPQLKDKEPAAKPARTRKPKNETVALVVEATTEAEAKKSLREGGLVPAAHEIMIPVGNMILAVDTQVLDKCALAL
AASDDPGRWFAENESLIHSTVFAPVAKGLHRVYPLLSVRPEVPAGYEASWPTQDHMPGLHLVVGGTGAGKSSYLASQDLT
LVIRWGEPAERFDVEGATHAVSDLNEALAVAFVMARAGYRPAIDSFRNLVFGIESAAGEGGISTALYSAMTAINNVCSRL
GIVVMVVVNPMATEAKAELVYNNMAASVAGMTVLMDGAVSKQTVRTLSGRT
;
_entity_poly.pdbx_strand_id   B,A,C
#
# COMPACT_ATOMS: atom_id res chain seq x y z
N THR A 28 13.70 -18.95 1.39
CA THR A 28 13.73 -18.83 -0.06
C THR A 28 12.31 -18.64 -0.63
N VAL A 29 12.14 -17.55 -1.37
CA VAL A 29 10.83 -17.13 -1.87
C VAL A 29 10.84 -17.22 -3.39
N ALA A 30 9.75 -17.77 -3.95
CA ALA A 30 9.61 -17.82 -5.39
C ALA A 30 9.40 -16.42 -5.94
N LEU A 31 10.19 -16.06 -6.95
CA LEU A 31 10.18 -14.70 -7.48
C LEU A 31 9.63 -14.58 -8.90
N VAL A 32 9.78 -15.59 -9.75
CA VAL A 32 9.25 -15.55 -11.11
C VAL A 32 8.33 -16.72 -11.43
N VAL A 33 8.59 -17.89 -10.88
CA VAL A 33 7.85 -19.09 -11.26
C VAL A 33 6.63 -19.23 -10.35
N GLU A 34 5.45 -19.24 -10.95
CA GLU A 34 4.20 -19.34 -10.22
C GLU A 34 3.46 -20.61 -10.61
N ALA A 35 2.46 -20.96 -9.80
CA ALA A 35 1.68 -22.16 -10.03
C ALA A 35 0.97 -22.09 -11.38
N THR A 36 1.10 -23.18 -12.15
CA THR A 36 0.32 -23.35 -13.37
C THR A 36 -0.56 -24.58 -13.35
N THR A 37 -0.48 -25.42 -12.33
CA THR A 37 -1.36 -26.56 -12.17
C THR A 37 -2.06 -26.47 -10.81
N GLU A 38 -3.15 -27.23 -10.68
CA GLU A 38 -3.89 -27.26 -9.42
C GLU A 38 -3.01 -27.72 -8.28
N ALA A 39 -2.11 -28.68 -8.54
CA ALA A 39 -1.23 -29.19 -7.50
C ALA A 39 -0.27 -28.10 -7.01
N GLU A 40 0.32 -27.36 -7.95
CA GLU A 40 1.17 -26.25 -7.56
C GLU A 40 0.37 -25.13 -6.92
N ALA A 41 -0.89 -24.94 -7.34
CA ALA A 41 -1.71 -23.87 -6.81
C ALA A 41 -1.95 -24.02 -5.31
N LYS A 42 -2.01 -25.26 -4.82
CA LYS A 42 -2.27 -25.49 -3.40
C LYS A 42 -1.05 -25.29 -2.52
N LYS A 43 0.14 -25.12 -3.10
CA LYS A 43 1.33 -24.83 -2.31
C LYS A 43 1.22 -23.46 -1.65
N SER A 44 2.17 -23.17 -0.77
CA SER A 44 2.17 -21.91 -0.04
C SER A 44 2.47 -20.75 -0.99
N LEU A 45 2.19 -19.54 -0.50
CA LEU A 45 2.50 -18.33 -1.27
C LEU A 45 4.01 -18.15 -1.42
N ARG A 46 4.79 -18.59 -0.43
CA ARG A 46 6.24 -18.56 -0.56
C ARG A 46 6.71 -19.39 -1.74
N GLU A 47 6.06 -20.52 -1.98
CA GLU A 47 6.43 -21.43 -3.07
C GLU A 47 5.75 -21.09 -4.39
N GLY A 48 5.00 -19.98 -4.45
CA GLY A 48 4.32 -19.62 -5.68
C GLY A 48 2.95 -20.21 -5.86
N GLY A 49 2.37 -20.81 -4.81
CA GLY A 49 0.99 -21.25 -4.85
C GLY A 49 0.05 -20.13 -4.49
N LEU A 50 -1.25 -20.45 -4.52
CA LEU A 50 -2.29 -19.46 -4.32
C LEU A 50 -2.98 -19.57 -2.96
N VAL A 51 -2.57 -20.51 -2.11
CA VAL A 51 -3.24 -20.78 -0.85
C VAL A 51 -2.25 -20.50 0.28
N PRO A 52 -2.54 -19.57 1.19
CA PRO A 52 -1.60 -19.30 2.29
C PRO A 52 -1.35 -20.54 3.13
N ALA A 53 -0.10 -20.72 3.52
CA ALA A 53 0.22 -21.78 4.46
C ALA A 53 -0.39 -21.44 5.83
N ALA A 54 -0.34 -22.41 6.75
CA ALA A 54 -0.91 -22.21 8.07
C ALA A 54 -0.26 -21.04 8.79
N HIS A 55 0.99 -20.72 8.44
CA HIS A 55 1.76 -19.67 9.09
C HIS A 55 1.88 -18.41 8.23
N GLU A 56 1.16 -18.34 7.12
CA GLU A 56 1.19 -17.19 6.22
C GLU A 56 -0.09 -16.39 6.39
N ILE A 57 0.05 -15.07 6.54
CA ILE A 57 -1.09 -14.16 6.59
C ILE A 57 -0.91 -13.17 5.45
N MET A 58 -1.94 -13.07 4.61
CA MET A 58 -1.89 -12.13 3.49
C MET A 58 -2.17 -10.71 3.98
N ILE A 59 -1.49 -9.74 3.39
CA ILE A 59 -1.66 -8.34 3.75
C ILE A 59 -1.98 -7.54 2.49
N PRO A 60 -3.24 -7.20 2.24
CA PRO A 60 -3.57 -6.38 1.06
C PRO A 60 -3.23 -4.92 1.31
N VAL A 61 -2.49 -4.32 0.38
CA VAL A 61 -2.09 -2.91 0.46
C VAL A 61 -2.34 -2.29 -0.91
N GLY A 62 -3.38 -1.46 -1.02
CA GLY A 62 -3.80 -0.98 -2.32
C GLY A 62 -4.19 -2.14 -3.22
N ASN A 63 -3.53 -2.27 -4.38
CA ASN A 63 -3.69 -3.43 -5.23
C ASN A 63 -2.53 -4.42 -5.11
N MET A 64 -1.69 -4.25 -4.10
CA MET A 64 -0.65 -5.21 -3.81
C MET A 64 -1.13 -6.18 -2.73
N ILE A 65 -0.52 -7.35 -2.70
CA ILE A 65 -0.82 -8.35 -1.70
C ILE A 65 0.50 -8.85 -1.16
N LEU A 66 0.77 -8.54 0.10
CA LEU A 66 1.97 -8.99 0.78
C LEU A 66 1.63 -10.23 1.61
N ALA A 67 2.65 -10.80 2.23
CA ALA A 67 2.46 -11.96 3.08
C ALA A 67 3.47 -11.91 4.21
N VAL A 68 3.02 -12.22 5.42
CA VAL A 68 3.90 -12.37 6.57
C VAL A 68 3.99 -13.86 6.87
N ASP A 69 5.20 -14.35 7.04
CA ASP A 69 5.46 -15.72 7.46
C ASP A 69 5.74 -15.68 8.97
N THR A 70 4.77 -16.14 9.76
CA THR A 70 4.88 -16.03 11.21
C THR A 70 5.93 -16.98 11.80
N GLN A 71 6.28 -18.05 11.10
CA GLN A 71 7.34 -18.94 11.59
C GLN A 71 8.71 -18.29 11.41
N VAL A 72 8.95 -17.66 10.25
CA VAL A 72 10.18 -16.91 10.10
C VAL A 72 10.20 -15.71 11.04
N LEU A 73 9.04 -15.11 11.28
CA LEU A 73 8.93 -14.03 12.26
C LEU A 73 9.30 -14.53 13.65
N ASP A 74 8.78 -15.69 14.04
CA ASP A 74 9.14 -16.28 15.33
C ASP A 74 10.63 -16.56 15.42
N LYS A 75 11.19 -17.21 14.38
CA LYS A 75 12.62 -17.47 14.35
C LYS A 75 13.42 -16.19 14.52
N CYS A 76 13.03 -15.14 13.80
CA CYS A 76 13.75 -13.87 13.88
C CYS A 76 13.60 -13.22 15.26
N ALA A 77 12.39 -13.22 15.81
CA ALA A 77 12.17 -12.64 17.13
C ALA A 77 13.01 -13.34 18.20
N LEU A 78 12.93 -14.68 18.22
CA LEU A 78 13.75 -15.46 19.14
C LEU A 78 15.23 -15.11 18.99
N ALA A 79 15.71 -15.09 17.75
CA ALA A 79 17.11 -14.78 17.51
C ALA A 79 17.44 -13.34 17.89
N LEU A 80 16.54 -12.41 17.55
CA LEU A 80 16.79 -11.00 17.88
C LEU A 80 16.84 -10.79 19.39
N ALA A 81 15.91 -11.40 20.12
CA ALA A 81 15.91 -11.29 21.58
C ALA A 81 17.18 -11.85 22.20
N ALA A 82 17.89 -12.72 21.48
CA ALA A 82 19.13 -13.30 21.96
C ALA A 82 20.36 -12.46 21.64
N SER A 83 20.26 -11.53 20.70
CA SER A 83 21.40 -10.75 20.25
C SER A 83 21.60 -9.50 21.10
N ASP A 84 22.83 -9.01 21.10
CA ASP A 84 23.21 -7.85 21.91
C ASP A 84 22.99 -6.53 21.18
N ASP A 85 22.71 -6.56 19.89
CA ASP A 85 22.57 -5.34 19.09
C ASP A 85 21.42 -5.51 18.11
N PRO A 86 20.25 -4.93 18.39
CA PRO A 86 19.22 -4.85 17.34
C PRO A 86 19.73 -4.22 16.06
N GLY A 87 20.62 -3.23 16.18
CA GLY A 87 21.28 -2.60 15.05
C GLY A 87 22.01 -3.56 14.13
N ARG A 88 23.15 -4.11 14.56
CA ARG A 88 23.84 -5.12 13.76
C ARG A 88 22.90 -6.23 13.30
N TRP A 89 22.00 -6.70 14.16
CA TRP A 89 21.22 -7.88 13.81
C TRP A 89 20.46 -7.68 12.51
N PHE A 90 19.76 -6.55 12.38
CA PHE A 90 18.96 -6.32 11.18
C PHE A 90 19.84 -6.10 9.96
N ALA A 91 20.98 -5.43 10.13
CA ALA A 91 21.86 -5.18 9.00
C ALA A 91 22.49 -6.46 8.46
N GLU A 92 22.70 -7.45 9.32
CA GLU A 92 23.36 -8.69 8.95
C GLU A 92 22.39 -9.79 8.55
N ASN A 93 21.08 -9.50 8.53
CA ASN A 93 20.07 -10.53 8.31
C ASN A 93 18.96 -10.03 7.41
N GLU A 94 19.30 -9.25 6.37
CA GLU A 94 18.27 -8.86 5.42
C GLU A 94 17.72 -10.07 4.67
N SER A 95 18.50 -11.15 4.60
CA SER A 95 18.00 -12.40 4.05
C SER A 95 16.82 -12.90 4.86
N LEU A 96 16.97 -12.97 6.18
CA LEU A 96 15.86 -13.38 7.04
C LEU A 96 14.74 -12.36 7.03
N ILE A 97 15.08 -11.07 6.93
CA ILE A 97 14.07 -10.02 6.89
C ILE A 97 13.20 -10.17 5.64
N HIS A 98 13.84 -10.33 4.48
CA HIS A 98 13.11 -10.47 3.22
C HIS A 98 12.32 -11.78 3.15
N SER A 99 12.59 -12.74 4.03
CA SER A 99 11.79 -13.94 4.12
C SER A 99 10.63 -13.80 5.11
N THR A 100 10.66 -12.76 5.95
CA THR A 100 9.59 -12.55 6.93
C THR A 100 8.36 -11.95 6.27
N VAL A 101 8.54 -10.90 5.47
CA VAL A 101 7.45 -10.30 4.70
C VAL A 101 7.91 -10.19 3.24
N PHE A 102 7.07 -10.67 2.34
CA PHE A 102 7.41 -10.72 0.92
C PHE A 102 6.13 -10.57 0.11
N ALA A 103 6.30 -10.35 -1.19
CA ALA A 103 5.16 -10.23 -2.08
C ALA A 103 5.04 -11.48 -2.92
N PRO A 104 4.01 -12.31 -2.72
CA PRO A 104 3.90 -13.56 -3.48
C PRO A 104 3.83 -13.32 -4.98
N VAL A 105 4.19 -14.34 -5.74
CA VAL A 105 4.32 -14.19 -7.19
C VAL A 105 3.05 -14.61 -7.93
N ALA A 106 2.23 -15.49 -7.35
CA ALA A 106 1.00 -15.91 -8.02
C ALA A 106 0.08 -14.72 -8.27
N LYS A 107 -0.42 -14.62 -9.50
CA LYS A 107 -1.23 -13.48 -9.89
C LYS A 107 -2.73 -13.64 -9.66
N GLY A 108 -3.21 -14.87 -9.42
CA GLY A 108 -4.63 -15.03 -9.15
C GLY A 108 -5.10 -14.60 -7.78
N LEU A 109 -4.19 -14.11 -6.93
CA LEU A 109 -4.55 -13.82 -5.55
C LEU A 109 -5.69 -12.82 -5.43
N HIS A 110 -5.69 -11.79 -6.29
CA HIS A 110 -6.75 -10.79 -6.24
C HIS A 110 -8.11 -11.40 -6.55
N ARG A 111 -8.16 -12.32 -7.50
CA ARG A 111 -9.42 -12.96 -7.85
C ARG A 111 -9.89 -13.89 -6.74
N VAL A 112 -8.98 -14.73 -6.23
CA VAL A 112 -9.35 -15.79 -5.29
C VAL A 112 -9.82 -15.20 -3.96
N TYR A 113 -9.29 -14.04 -3.57
CA TYR A 113 -9.59 -13.43 -2.27
C TYR A 113 -10.18 -12.04 -2.50
N PRO A 114 -11.45 -11.99 -2.91
CA PRO A 114 -12.04 -10.72 -3.35
C PRO A 114 -12.20 -9.74 -2.18
N LEU A 115 -11.77 -8.50 -2.41
CA LEU A 115 -11.87 -7.42 -1.43
C LEU A 115 -11.18 -7.82 -0.13
N LEU A 116 -10.00 -8.43 -0.28
CA LEU A 116 -9.23 -8.95 0.85
C LEU A 116 -8.99 -7.88 1.91
N SER A 117 -9.17 -8.28 3.16
CA SER A 117 -8.72 -7.50 4.30
C SER A 117 -7.86 -8.39 5.18
N VAL A 118 -7.65 -8.01 6.43
CA VAL A 118 -7.07 -8.88 7.44
C VAL A 118 -8.10 -9.00 8.56
N ARG A 119 -8.38 -10.23 8.98
CA ARG A 119 -9.47 -10.44 9.92
C ARG A 119 -9.10 -9.88 11.29
N PRO A 120 -10.03 -9.21 11.96
CA PRO A 120 -9.73 -8.62 13.26
C PRO A 120 -9.77 -9.64 14.39
N GLU A 121 -8.60 -10.13 14.81
CA GLU A 121 -8.53 -11.09 15.91
C GLU A 121 -7.32 -10.78 16.77
N VAL A 122 -7.48 -10.99 18.07
CA VAL A 122 -6.47 -10.68 19.08
C VAL A 122 -5.99 -11.98 19.71
N PRO A 123 -4.69 -12.18 19.91
CA PRO A 123 -4.23 -13.41 20.54
C PRO A 123 -4.73 -13.52 21.98
N ALA A 124 -4.98 -14.76 22.39
CA ALA A 124 -5.37 -15.01 23.77
C ALA A 124 -4.25 -14.60 24.72
N GLY A 125 -4.62 -13.92 25.80
CA GLY A 125 -3.65 -13.46 26.78
C GLY A 125 -2.90 -12.19 26.42
N TYR A 126 -3.29 -11.51 25.34
CA TYR A 126 -2.60 -10.30 24.94
C TYR A 126 -2.70 -9.22 26.02
N GLU A 127 -1.57 -8.59 26.32
CA GLU A 127 -1.52 -7.45 27.22
C GLU A 127 -0.67 -6.35 26.60
N ALA A 128 -0.83 -5.14 27.12
CA ALA A 128 -0.06 -4.00 26.62
C ALA A 128 -0.10 -2.88 27.64
N SER A 129 1.07 -2.28 27.90
CA SER A 129 1.16 -1.03 28.63
C SER A 129 1.62 0.13 27.75
N TRP A 130 2.03 -0.14 26.51
CA TRP A 130 2.54 0.84 25.59
C TRP A 130 1.80 0.73 24.25
N PRO A 131 1.56 1.85 23.56
CA PRO A 131 1.83 3.26 23.89
C PRO A 131 0.92 3.79 24.98
N THR A 132 -0.17 3.08 25.24
CA THR A 132 -1.06 3.38 26.35
C THR A 132 -1.52 2.08 26.97
N GLN A 133 -1.98 2.17 28.22
CA GLN A 133 -2.49 0.99 28.93
C GLN A 133 -3.66 0.38 28.17
N ASP A 134 -3.58 -0.93 27.94
CA ASP A 134 -4.61 -1.72 27.27
C ASP A 134 -4.80 -1.34 25.81
N HIS A 135 -3.84 -0.63 25.22
CA HIS A 135 -3.87 -0.34 23.79
C HIS A 135 -4.12 -1.61 23.00
N MET A 136 -5.20 -1.62 22.20
CA MET A 136 -5.45 -2.77 21.34
C MET A 136 -4.24 -3.02 20.45
N PRO A 137 -3.99 -4.26 20.03
CA PRO A 137 -2.92 -4.49 19.06
C PRO A 137 -3.32 -3.94 17.70
N GLY A 138 -2.37 -3.28 17.05
CA GLY A 138 -2.63 -2.64 15.78
C GLY A 138 -1.57 -1.58 15.52
N LEU A 139 -1.96 -0.59 14.71
CA LEU A 139 -1.11 0.55 14.45
C LEU A 139 -1.45 1.68 15.41
N HIS A 140 -0.43 2.43 15.82
CA HIS A 140 -0.64 3.74 16.44
C HIS A 140 -0.09 4.79 15.49
N LEU A 141 -0.97 5.49 14.80
CA LEU A 141 -0.56 6.50 13.85
C LEU A 141 -0.19 7.78 14.56
N VAL A 142 0.94 8.36 14.17
CA VAL A 142 1.36 9.69 14.60
C VAL A 142 1.20 10.59 13.39
N VAL A 143 0.19 11.47 13.43
CA VAL A 143 -0.32 12.12 12.24
C VAL A 143 -0.19 13.63 12.38
N GLY A 144 0.08 14.29 11.26
CA GLY A 144 0.22 15.74 11.21
C GLY A 144 0.94 16.16 9.96
N GLY A 145 0.85 17.46 9.66
CA GLY A 145 1.54 18.01 8.51
C GLY A 145 3.03 18.15 8.77
N THR A 146 3.75 18.58 7.73
CA THR A 146 5.18 18.81 7.86
C THR A 146 5.43 19.93 8.87
N GLY A 147 6.31 19.66 9.83
CA GLY A 147 6.57 20.61 10.89
C GLY A 147 5.62 20.55 12.06
N ALA A 148 4.70 19.57 12.07
CA ALA A 148 3.72 19.48 13.15
C ALA A 148 4.37 19.17 14.49
N GLY A 149 5.47 18.43 14.49
CA GLY A 149 6.11 18.03 15.73
C GLY A 149 6.32 16.53 15.81
N LYS A 150 6.19 15.85 14.68
CA LYS A 150 6.08 14.39 14.69
C LYS A 150 7.39 13.74 15.11
N SER A 151 8.52 14.18 14.55
CA SER A 151 9.82 13.64 14.94
C SER A 151 10.35 14.23 16.25
N SER A 152 9.53 14.99 16.96
CA SER A 152 9.78 15.34 18.35
C SER A 152 8.88 14.57 19.31
N TYR A 153 7.71 14.16 18.85
CA TYR A 153 6.83 13.29 19.63
C TYR A 153 7.42 11.89 19.72
N LEU A 154 8.02 11.39 18.63
CA LEU A 154 8.62 10.07 18.64
C LEU A 154 9.70 9.95 19.70
N ALA A 155 10.47 11.02 19.92
CA ALA A 155 11.53 10.99 20.91
C ALA A 155 10.98 10.90 22.34
N SER A 156 9.73 11.27 22.56
CA SER A 156 9.13 11.16 23.88
C SER A 156 8.51 9.79 24.11
N GLN A 157 8.26 9.02 23.05
CA GLN A 157 7.65 7.70 23.20
C GLN A 157 8.65 6.63 23.62
N ASP A 158 9.92 6.98 23.83
CA ASP A 158 10.93 6.09 24.40
C ASP A 158 10.99 4.77 23.62
N LEU A 159 11.33 4.89 22.35
CA LEU A 159 11.35 3.78 21.41
C LEU A 159 12.73 3.12 21.38
N THR A 160 12.74 1.84 20.97
CA THR A 160 14.01 1.15 20.73
C THR A 160 14.76 1.80 19.58
N LEU A 161 14.10 1.91 18.42
CA LEU A 161 14.66 2.60 17.27
C LEU A 161 13.54 3.02 16.34
N VAL A 162 13.86 3.96 15.45
CA VAL A 162 12.97 4.42 14.40
C VAL A 162 13.36 3.74 13.10
N ILE A 163 12.42 3.03 12.49
CA ILE A 163 12.62 2.48 11.16
C ILE A 163 12.37 3.59 10.14
N ARG A 164 13.41 3.94 9.40
CA ARG A 164 13.38 5.09 8.50
C ARG A 164 13.12 4.61 7.08
N TRP A 165 12.06 5.13 6.47
CA TRP A 165 11.62 4.66 5.16
C TRP A 165 10.93 5.78 4.40
N GLY A 166 11.38 6.03 3.18
CA GLY A 166 10.71 6.97 2.30
C GLY A 166 10.82 8.43 2.67
N GLU A 167 11.80 8.80 3.48
CA GLU A 167 12.01 10.16 3.94
C GLU A 167 13.43 10.58 3.60
N PRO A 168 13.67 11.87 3.36
CA PRO A 168 15.03 12.29 2.97
C PRO A 168 16.01 12.12 4.11
N ALA A 169 17.24 11.73 3.76
CA ALA A 169 18.28 11.51 4.74
C ALA A 169 18.49 12.76 5.59
N GLU A 170 18.60 12.56 6.90
CA GLU A 170 18.77 13.65 7.85
C GLU A 170 19.96 13.37 8.74
N ARG A 171 20.31 14.39 9.54
CA ARG A 171 21.30 14.20 10.60
C ARG A 171 20.87 13.09 11.55
N PHE A 172 19.56 12.88 11.71
CA PHE A 172 19.06 11.82 12.58
C PHE A 172 19.55 10.45 12.13
N ASP A 173 19.69 10.24 10.83
CA ASP A 173 20.08 8.93 10.32
C ASP A 173 21.54 8.61 10.58
N VAL A 174 22.34 9.58 11.03
CA VAL A 174 23.71 9.33 11.47
C VAL A 174 23.78 9.21 12.99
N GLU A 175 23.23 10.20 13.70
CA GLU A 175 23.42 10.33 15.14
C GLU A 175 22.36 9.59 15.95
N GLY A 176 21.26 9.14 15.34
CA GLY A 176 20.15 8.58 16.06
C GLY A 176 20.16 7.05 16.10
N ALA A 177 19.14 6.51 16.78
CA ALA A 177 18.92 5.07 16.89
C ALA A 177 17.94 4.68 15.78
N THR A 178 18.49 4.33 14.62
CA THR A 178 17.68 4.07 13.43
C THR A 178 18.06 2.75 12.79
N HIS A 179 17.13 2.23 12.00
CA HIS A 179 17.43 1.26 10.95
C HIS A 179 16.75 1.73 9.67
N ALA A 180 17.54 2.00 8.64
CA ALA A 180 17.02 2.46 7.36
C ALA A 180 16.61 1.29 6.50
N VAL A 181 15.46 1.40 5.85
CA VAL A 181 14.94 0.38 4.94
C VAL A 181 14.53 1.04 3.64
N SER A 182 14.14 0.22 2.67
CA SER A 182 13.90 0.68 1.31
C SER A 182 12.48 0.47 0.80
N ASP A 183 11.81 -0.63 1.16
CA ASP A 183 10.45 -0.86 0.68
C ASP A 183 9.55 -1.23 1.86
N LEU A 184 8.28 -1.48 1.54
CA LEU A 184 7.28 -1.74 2.57
C LEU A 184 7.49 -3.10 3.24
N ASN A 185 8.03 -4.07 2.50
CA ASN A 185 8.33 -5.37 3.11
C ASN A 185 9.31 -5.21 4.27
N GLU A 186 10.45 -4.58 4.01
CA GLU A 186 11.46 -4.39 5.06
C GLU A 186 10.91 -3.59 6.22
N ALA A 187 10.16 -2.53 5.93
CA ALA A 187 9.57 -1.70 6.99
C ALA A 187 8.66 -2.53 7.89
N LEU A 188 7.73 -3.28 7.30
CA LEU A 188 6.84 -4.12 8.10
C LEU A 188 7.61 -5.24 8.78
N ALA A 189 8.56 -5.85 8.08
CA ALA A 189 9.28 -6.99 8.63
C ALA A 189 10.09 -6.61 9.86
N VAL A 190 10.83 -5.51 9.79
CA VAL A 190 11.65 -5.09 10.92
C VAL A 190 10.76 -4.66 12.09
N ALA A 191 9.62 -4.02 11.79
CA ALA A 191 8.70 -3.63 12.85
C ALA A 191 8.09 -4.85 13.52
N PHE A 192 7.62 -5.82 12.73
CA PHE A 192 7.03 -7.04 13.28
C PHE A 192 8.03 -7.77 14.16
N VAL A 193 9.26 -7.94 13.66
CA VAL A 193 10.28 -8.71 14.38
C VAL A 193 10.63 -8.03 15.70
N MET A 194 10.80 -6.71 15.67
CA MET A 194 11.15 -5.97 16.87
C MET A 194 10.07 -6.08 17.93
N ALA A 195 8.82 -5.84 17.54
CA ALA A 195 7.72 -5.85 18.50
C ALA A 195 7.54 -7.26 19.08
N ARG A 196 7.57 -8.28 18.23
CA ARG A 196 7.45 -9.66 18.71
C ARG A 196 8.59 -10.01 19.66
N ALA A 197 9.73 -9.34 19.54
CA ALA A 197 10.87 -9.56 20.42
C ALA A 197 10.80 -8.74 21.70
N GLY A 198 9.69 -8.04 21.94
CA GLY A 198 9.57 -7.21 23.12
C GLY A 198 10.19 -5.84 22.98
N TYR A 199 10.56 -5.43 21.77
CA TYR A 199 11.10 -4.11 21.53
C TYR A 199 10.00 -3.19 21.01
N ARG A 200 10.31 -1.91 20.96
CA ARG A 200 9.36 -0.84 20.63
C ARG A 200 9.71 -0.10 19.35
N PRO A 201 9.00 -0.39 18.25
CA PRO A 201 9.36 0.19 16.96
C PRO A 201 8.44 1.31 16.51
N ALA A 202 9.00 2.27 15.80
CA ALA A 202 8.24 3.26 15.05
C ALA A 202 8.71 3.25 13.60
N ILE A 203 7.79 3.48 12.68
CA ILE A 203 8.10 3.61 11.26
C ILE A 203 7.93 5.08 10.88
N ASP A 204 9.02 5.70 10.44
CA ASP A 204 9.04 7.05 9.91
C ASP A 204 9.52 6.94 8.46
N SER A 205 8.60 6.88 7.51
CA SER A 205 7.15 7.06 7.70
C SER A 205 6.36 6.24 6.67
N PHE A 206 5.03 6.34 6.69
CA PHE A 206 4.21 5.76 5.61
C PHE A 206 3.99 6.73 4.46
N ARG A 207 4.94 7.65 4.24
CA ARG A 207 4.84 8.60 3.15
C ARG A 207 4.54 7.91 1.83
N ASN A 208 5.20 6.78 1.57
CA ASN A 208 5.05 6.13 0.27
C ASN A 208 3.73 5.38 0.12
N LEU A 209 3.04 5.01 1.21
CA LEU A 209 1.64 4.62 1.05
C LEU A 209 0.77 5.81 0.68
N VAL A 210 0.97 6.95 1.34
CA VAL A 210 0.17 8.13 1.03
C VAL A 210 0.33 8.48 -0.45
N PHE A 211 1.57 8.58 -0.91
CA PHE A 211 1.82 8.91 -2.31
C PHE A 211 1.50 7.74 -3.22
N GLY A 212 1.75 6.51 -2.75
CA GLY A 212 1.68 5.35 -3.64
C GLY A 212 0.29 4.79 -3.87
N ILE A 213 -0.58 4.80 -2.86
CA ILE A 213 -1.91 4.21 -2.98
C ILE A 213 -2.83 5.20 -3.68
N GLU A 214 -3.00 5.00 -4.98
CA GLU A 214 -3.93 5.74 -5.82
C GLU A 214 -5.26 5.01 -5.87
N SER A 215 -6.35 5.77 -5.79
CA SER A 215 -7.69 5.20 -5.74
C SER A 215 -8.68 6.34 -5.84
N ALA A 216 -9.95 5.98 -5.97
CA ALA A 216 -11.00 6.96 -6.02
C ALA A 216 -10.99 7.71 -4.70
N ALA A 217 -11.08 9.02 -4.77
CA ALA A 217 -11.00 9.85 -3.57
C ALA A 217 -12.30 10.00 -2.82
N GLY A 218 -12.17 10.43 -1.58
CA GLY A 218 -13.34 10.61 -0.77
C GLY A 218 -13.66 12.07 -0.60
N GLU A 219 -14.37 12.34 0.48
CA GLU A 219 -14.79 13.68 0.76
C GLU A 219 -13.66 14.53 1.27
N GLY A 220 -12.66 13.90 1.87
CA GLY A 220 -11.49 14.56 2.35
C GLY A 220 -10.38 14.70 1.33
N GLY A 221 -10.48 14.04 0.18
CA GLY A 221 -9.45 14.16 -0.83
C GLY A 221 -8.48 13.00 -0.88
N ILE A 222 -8.47 12.14 0.13
CA ILE A 222 -7.54 11.03 0.22
C ILE A 222 -8.16 9.81 -0.47
N SER A 223 -7.30 8.98 -1.07
CA SER A 223 -7.76 7.73 -1.65
C SER A 223 -8.38 6.85 -0.57
N THR A 224 -9.54 6.26 -0.89
CA THR A 224 -10.16 5.34 0.07
C THR A 224 -9.34 4.09 0.28
N ALA A 225 -8.48 3.73 -0.67
CA ALA A 225 -7.66 2.54 -0.50
C ALA A 225 -6.56 2.76 0.54
N LEU A 226 -6.21 4.01 0.85
CA LEU A 226 -5.29 4.25 1.96
C LEU A 226 -5.91 3.85 3.29
N TYR A 227 -7.22 4.04 3.45
CA TYR A 227 -7.88 3.67 4.69
C TYR A 227 -7.96 2.15 4.84
N SER A 228 -8.40 1.46 3.79
CA SER A 228 -8.44 0.01 3.84
C SER A 228 -7.04 -0.56 4.07
N ALA A 229 -6.03 0.08 3.48
CA ALA A 229 -4.66 -0.38 3.66
C ALA A 229 -4.24 -0.29 5.12
N MET A 230 -4.64 0.77 5.81
CA MET A 230 -4.24 0.94 7.20
C MET A 230 -4.98 -0.04 8.10
N THR A 231 -6.24 -0.34 7.78
CA THR A 231 -6.98 -1.35 8.53
C THR A 231 -6.34 -2.73 8.34
N ALA A 232 -6.00 -3.07 7.09
CA ALA A 232 -5.34 -4.34 6.82
C ALA A 232 -4.04 -4.46 7.62
N ILE A 233 -3.17 -3.45 7.52
CA ILE A 233 -1.93 -3.47 8.28
C ILE A 233 -2.20 -3.44 9.77
N ASN A 234 -3.18 -2.64 10.19
CA ASN A 234 -3.57 -2.61 11.60
C ASN A 234 -3.92 -4.00 12.10
N ASN A 235 -4.76 -4.71 11.36
CA ASN A 235 -5.26 -6.00 11.82
C ASN A 235 -4.25 -7.13 11.68
N VAL A 236 -3.15 -6.94 10.94
CA VAL A 236 -2.10 -7.96 11.02
C VAL A 236 -1.26 -7.73 12.27
N CYS A 237 -1.09 -6.48 12.70
CA CYS A 237 -0.53 -6.24 14.02
C CYS A 237 -1.46 -6.77 15.10
N SER A 238 -2.77 -6.68 14.87
CA SER A 238 -3.73 -7.25 15.81
C SER A 238 -3.53 -8.76 15.95
N ARG A 239 -3.41 -9.46 14.82
CA ARG A 239 -3.21 -10.92 14.88
C ARG A 239 -1.86 -11.25 15.50
N LEU A 240 -0.84 -10.43 15.23
CA LEU A 240 0.48 -10.64 15.83
C LEU A 240 0.55 -10.20 17.28
N GLY A 241 -0.53 -9.63 17.82
CA GLY A 241 -0.52 -9.17 19.20
C GLY A 241 0.54 -8.12 19.48
N ILE A 242 0.71 -7.17 18.57
CA ILE A 242 1.75 -6.16 18.69
C ILE A 242 1.15 -4.79 18.39
N VAL A 243 1.89 -3.75 18.77
CA VAL A 243 1.59 -2.37 18.40
C VAL A 243 2.80 -1.81 17.67
N VAL A 244 2.56 -1.23 16.50
CA VAL A 244 3.59 -0.55 15.73
C VAL A 244 3.16 0.90 15.54
N MET A 245 4.02 1.82 15.95
CA MET A 245 3.76 3.25 15.85
C MET A 245 4.26 3.74 14.50
N VAL A 246 3.41 4.46 13.76
CA VAL A 246 3.70 4.79 12.37
C VAL A 246 3.40 6.27 12.11
N VAL A 247 4.37 6.96 11.55
CA VAL A 247 4.22 8.37 11.17
C VAL A 247 3.54 8.47 9.82
N VAL A 248 2.43 9.21 9.75
CA VAL A 248 1.68 9.41 8.52
C VAL A 248 1.35 10.88 8.37
N ASN A 249 1.78 11.48 7.25
CA ASN A 249 1.35 12.82 6.86
C ASN A 249 0.40 12.68 5.68
N PRO A 250 -0.92 12.81 5.90
CA PRO A 250 -1.89 12.52 4.83
C PRO A 250 -2.05 13.61 3.79
N MET A 251 -1.38 14.75 3.93
CA MET A 251 -1.40 15.82 2.93
C MET A 251 -2.82 16.31 2.61
N ALA A 252 -3.55 16.63 3.65
CA ALA A 252 -4.86 17.11 3.45
C ALA A 252 -4.86 18.59 3.63
N THR A 253 -5.83 19.23 3.03
CA THR A 253 -6.02 20.65 3.12
C THR A 253 -6.68 20.95 4.47
N GLU A 254 -6.62 22.20 4.92
CA GLU A 254 -7.24 22.56 6.21
C GLU A 254 -8.70 22.17 6.31
N ALA A 255 -9.46 22.37 5.25
CA ALA A 255 -10.85 22.02 5.26
C ALA A 255 -11.12 20.56 5.48
N LYS A 256 -10.57 19.71 4.64
CA LYS A 256 -10.87 18.29 4.77
C LYS A 256 -9.98 17.59 5.83
N ALA A 257 -9.14 18.31 6.59
CA ALA A 257 -8.23 17.60 7.50
C ALA A 257 -9.00 16.84 8.58
N GLU A 258 -9.96 17.50 9.22
CA GLU A 258 -10.71 16.85 10.29
C GLU A 258 -11.51 15.66 9.79
N LEU A 259 -12.01 15.73 8.56
CA LEU A 259 -12.70 14.58 7.98
C LEU A 259 -11.72 13.44 7.68
N VAL A 260 -10.49 13.79 7.29
CA VAL A 260 -9.50 12.76 6.96
C VAL A 260 -8.99 12.08 8.23
N TYR A 261 -8.71 12.88 9.26
CA TYR A 261 -8.23 12.32 10.53
C TYR A 261 -9.28 11.41 11.16
N ASN A 262 -10.56 11.70 10.95
CA ASN A 262 -11.60 10.85 11.50
C ASN A 262 -11.71 9.53 10.74
N ASN A 263 -11.53 9.56 9.42
CA ASN A 263 -11.51 8.32 8.66
C ASN A 263 -10.29 7.47 9.00
N MET A 264 -9.16 8.11 9.30
CA MET A 264 -7.98 7.35 9.67
C MET A 264 -8.14 6.74 11.06
N ALA A 265 -8.65 7.51 12.02
CA ALA A 265 -8.93 6.97 13.34
C ALA A 265 -9.89 5.80 13.26
N ALA A 266 -10.90 5.90 12.39
CA ALA A 266 -11.85 4.81 12.18
C ALA A 266 -11.20 3.58 11.53
N SER A 267 -9.92 3.64 11.18
CA SER A 267 -9.25 2.55 10.49
C SER A 267 -8.24 1.80 11.34
N VAL A 268 -7.81 2.36 12.47
CA VAL A 268 -6.65 1.88 13.19
C VAL A 268 -6.97 1.78 14.68
N ALA A 269 -6.05 1.12 15.41
CA ALA A 269 -6.20 1.01 16.86
C ALA A 269 -6.03 2.36 17.54
N GLY A 270 -4.95 3.07 17.22
CA GLY A 270 -4.64 4.33 17.89
C GLY A 270 -4.17 5.38 16.92
N MET A 271 -4.43 6.64 17.27
CA MET A 271 -4.04 7.77 16.44
C MET A 271 -3.78 8.99 17.33
N THR A 272 -2.61 9.58 17.18
CA THR A 272 -2.24 10.83 17.84
C THR A 272 -2.02 11.88 16.77
N VAL A 273 -2.76 12.99 16.86
CA VAL A 273 -2.67 14.07 15.89
C VAL A 273 -1.80 15.17 16.47
N LEU A 274 -0.80 15.60 15.70
CA LEU A 274 0.12 16.66 16.10
C LEU A 274 -0.15 17.90 15.26
N MET A 275 -0.11 19.07 15.89
CA MET A 275 -0.46 20.30 15.22
C MET A 275 0.32 21.42 15.90
N ASP A 276 1.35 21.92 15.22
CA ASP A 276 2.19 23.02 15.71
C ASP A 276 2.93 22.67 17.00
N GLY A 277 3.35 21.42 17.16
CA GLY A 277 4.17 21.03 18.28
C GLY A 277 3.45 20.51 19.50
N ALA A 278 2.13 20.36 19.43
CA ALA A 278 1.34 19.85 20.54
C ALA A 278 0.34 18.82 20.04
N VAL A 279 -0.04 17.91 20.92
CA VAL A 279 -1.05 16.92 20.57
C VAL A 279 -2.41 17.58 20.51
N SER A 280 -3.10 17.42 19.39
CA SER A 280 -4.40 18.05 19.16
C SER A 280 -5.56 17.07 19.22
N LYS A 281 -5.30 15.77 19.24
CA LYS A 281 -6.33 14.75 19.46
C LYS A 281 -5.65 13.40 19.63
N GLN A 282 -6.19 12.60 20.55
CA GLN A 282 -5.73 11.22 20.72
C GLN A 282 -6.92 10.29 20.84
N THR A 283 -6.96 9.28 19.99
CA THR A 283 -7.98 8.25 20.00
C THR A 283 -7.28 6.89 20.08
N VAL A 284 -7.63 6.11 21.10
CA VAL A 284 -7.03 4.79 21.30
C VAL A 284 -8.14 3.79 21.59
N ARG A 285 -8.19 2.72 20.81
CA ARG A 285 -9.04 1.59 21.14
C ARG A 285 -8.35 0.73 22.19
N THR A 286 -9.06 0.43 23.26
CA THR A 286 -8.48 -0.28 24.40
C THR A 286 -9.18 -1.61 24.63
N LEU A 287 -8.49 -2.47 25.38
CA LEU A 287 -9.07 -3.76 25.76
C LEU A 287 -10.27 -3.57 26.67
N SER A 288 -10.34 -2.45 27.39
CA SER A 288 -11.42 -2.22 28.34
C SER A 288 -12.59 -1.45 27.74
N GLY A 289 -12.39 -0.80 26.60
CA GLY A 289 -13.37 0.13 26.07
C GLY A 289 -13.33 1.49 26.71
N ARG A 290 -12.51 1.69 27.74
CA ARG A 290 -12.35 2.96 28.41
C ARG A 290 -10.97 3.54 28.13
N THR A 291 -10.86 4.85 28.29
CA THR A 291 -9.57 5.53 28.15
C THR A 291 -8.72 5.33 29.39
N GLU B 27 -12.75 -32.87 -5.71
CA GLU B 27 -13.89 -31.97 -5.70
C GLU B 27 -13.54 -30.58 -5.17
N THR B 28 -12.32 -30.14 -5.45
CA THR B 28 -11.86 -28.82 -5.00
C THR B 28 -12.09 -27.78 -6.09
N VAL B 29 -12.16 -26.52 -5.66
CA VAL B 29 -12.31 -25.41 -6.60
C VAL B 29 -11.06 -25.29 -7.43
N ALA B 30 -11.24 -25.24 -8.75
CA ALA B 30 -10.11 -25.02 -9.65
C ALA B 30 -9.57 -23.60 -9.48
N LEU B 31 -8.27 -23.50 -9.24
CA LEU B 31 -7.66 -22.22 -8.87
C LEU B 31 -6.87 -21.57 -10.00
N VAL B 32 -6.32 -22.34 -10.93
CA VAL B 32 -5.48 -21.77 -11.98
C VAL B 32 -5.85 -22.34 -13.35
N VAL B 33 -6.28 -23.59 -13.38
CA VAL B 33 -6.56 -24.28 -14.63
C VAL B 33 -8.03 -24.04 -14.98
N GLU B 34 -8.26 -23.32 -16.07
CA GLU B 34 -9.58 -23.04 -16.60
C GLU B 34 -9.76 -23.74 -17.93
N ALA B 35 -11.01 -23.82 -18.37
CA ALA B 35 -11.35 -24.47 -19.62
C ALA B 35 -10.59 -23.83 -20.78
N THR B 36 -10.02 -24.67 -21.65
CA THR B 36 -9.44 -24.22 -22.91
C THR B 36 -10.12 -24.85 -24.11
N THR B 37 -10.99 -25.84 -23.92
CA THR B 37 -11.72 -26.47 -25.00
C THR B 37 -13.21 -26.35 -24.72
N GLU B 38 -14.02 -26.56 -25.78
CA GLU B 38 -15.47 -26.49 -25.63
C GLU B 38 -15.97 -27.53 -24.63
N ALA B 39 -15.32 -28.70 -24.59
CA ALA B 39 -15.72 -29.74 -23.65
C ALA B 39 -15.55 -29.27 -22.20
N GLU B 40 -14.38 -28.69 -21.90
CA GLU B 40 -14.14 -28.22 -20.54
C GLU B 40 -14.98 -26.99 -20.21
N ALA B 41 -15.38 -26.21 -21.22
CA ALA B 41 -16.19 -25.02 -20.97
C ALA B 41 -17.57 -25.39 -20.44
N LYS B 42 -18.08 -26.56 -20.81
CA LYS B 42 -19.39 -27.00 -20.35
C LYS B 42 -19.39 -27.42 -18.88
N LYS B 43 -18.23 -27.59 -18.25
CA LYS B 43 -18.20 -28.02 -16.86
C LYS B 43 -18.60 -26.87 -15.93
N SER B 44 -18.69 -27.21 -14.65
CA SER B 44 -19.17 -26.28 -13.63
C SER B 44 -18.10 -25.22 -13.34
N LEU B 45 -18.53 -24.17 -12.64
CA LEU B 45 -17.60 -23.11 -12.27
C LEU B 45 -16.55 -23.62 -11.31
N ARG B 46 -16.94 -24.50 -10.39
CA ARG B 46 -15.96 -25.13 -9.49
C ARG B 46 -14.86 -25.82 -10.29
N GLU B 47 -15.22 -26.47 -11.40
CA GLU B 47 -14.26 -27.23 -12.20
C GLU B 47 -13.51 -26.38 -13.22
N GLY B 48 -13.70 -25.06 -13.23
CA GLY B 48 -13.06 -24.22 -14.21
C GLY B 48 -13.79 -24.09 -15.52
N GLY B 49 -15.03 -24.53 -15.60
CA GLY B 49 -15.86 -24.31 -16.77
C GLY B 49 -16.50 -22.95 -16.76
N LEU B 50 -17.42 -22.75 -17.71
CA LEU B 50 -18.10 -21.47 -17.88
C LEU B 50 -19.60 -21.58 -17.75
N VAL B 51 -20.13 -22.75 -17.42
CA VAL B 51 -21.56 -22.97 -17.29
C VAL B 51 -21.84 -23.39 -15.85
N PRO B 52 -22.67 -22.65 -15.11
CA PRO B 52 -22.97 -23.05 -13.73
C PRO B 52 -23.77 -24.35 -13.69
N ALA B 53 -23.44 -25.18 -12.71
CA ALA B 53 -24.31 -26.30 -12.40
C ALA B 53 -25.59 -25.78 -11.75
N ALA B 54 -26.60 -26.66 -11.67
CA ALA B 54 -27.88 -26.26 -11.10
C ALA B 54 -27.74 -25.79 -9.65
N HIS B 55 -26.70 -26.24 -8.95
CA HIS B 55 -26.46 -25.89 -7.56
C HIS B 55 -25.44 -24.77 -7.40
N GLU B 56 -25.13 -24.04 -8.47
CA GLU B 56 -24.22 -22.92 -8.43
C GLU B 56 -24.97 -21.65 -8.81
N ILE B 57 -24.83 -20.61 -7.98
CA ILE B 57 -25.41 -19.31 -8.25
C ILE B 57 -24.28 -18.30 -8.33
N MET B 58 -24.16 -17.62 -9.46
CA MET B 58 -23.13 -16.61 -9.64
C MET B 58 -23.52 -15.32 -8.93
N ILE B 59 -22.54 -14.67 -8.31
CA ILE B 59 -22.76 -13.42 -7.60
C ILE B 59 -21.84 -12.34 -8.17
N PRO B 60 -22.35 -11.46 -9.04
CA PRO B 60 -21.49 -10.39 -9.58
C PRO B 60 -21.40 -9.24 -8.57
N VAL B 61 -20.15 -8.81 -8.31
CA VAL B 61 -19.88 -7.75 -7.34
C VAL B 61 -18.83 -6.85 -7.97
N GLY B 62 -19.24 -5.64 -8.38
CA GLY B 62 -18.36 -4.82 -9.18
C GLY B 62 -18.00 -5.57 -10.44
N ASN B 63 -16.70 -5.77 -10.65
CA ASN B 63 -16.21 -6.50 -11.81
C ASN B 63 -15.56 -7.82 -11.41
N MET B 64 -15.95 -8.33 -10.24
CA MET B 64 -15.74 -9.69 -9.76
C MET B 64 -17.02 -10.51 -9.98
N ILE B 65 -16.85 -11.82 -10.11
CA ILE B 65 -17.96 -12.76 -10.18
C ILE B 65 -17.64 -13.89 -9.22
N LEU B 66 -18.40 -13.98 -8.14
CA LEU B 66 -18.31 -15.08 -7.20
C LEU B 66 -19.40 -16.10 -7.48
N ALA B 67 -19.32 -17.22 -6.79
CA ALA B 67 -20.33 -18.27 -6.92
C ALA B 67 -20.56 -18.91 -5.56
N VAL B 68 -21.82 -19.18 -5.26
CA VAL B 68 -22.18 -19.96 -4.08
C VAL B 68 -22.59 -21.34 -4.55
N ASP B 69 -22.14 -22.35 -3.81
CA ASP B 69 -22.54 -23.74 -4.04
C ASP B 69 -23.59 -24.08 -3.01
N THR B 70 -24.85 -24.18 -3.45
CA THR B 70 -25.93 -24.47 -2.51
C THR B 70 -25.84 -25.87 -1.92
N GLN B 71 -25.18 -26.80 -2.60
CA GLN B 71 -25.02 -28.15 -2.06
C GLN B 71 -24.00 -28.16 -0.92
N VAL B 72 -22.87 -27.49 -1.11
CA VAL B 72 -21.92 -27.33 0.00
C VAL B 72 -22.54 -26.47 1.10
N LEU B 73 -23.33 -25.48 0.72
CA LEU B 73 -24.02 -24.63 1.70
C LEU B 73 -24.93 -25.47 2.59
N ASP B 74 -25.72 -26.35 1.98
CA ASP B 74 -26.64 -27.17 2.77
C ASP B 74 -25.90 -28.15 3.68
N LYS B 75 -24.78 -28.71 3.20
CA LYS B 75 -23.99 -29.59 4.06
C LYS B 75 -23.43 -28.83 5.25
N CYS B 76 -22.92 -27.62 5.01
CA CYS B 76 -22.37 -26.80 6.08
C CYS B 76 -23.44 -26.41 7.09
N ALA B 77 -24.61 -26.00 6.61
CA ALA B 77 -25.70 -25.63 7.52
C ALA B 77 -26.11 -26.79 8.40
N LEU B 78 -26.13 -28.01 7.85
CA LEU B 78 -26.47 -29.18 8.65
C LEU B 78 -25.43 -29.41 9.74
N ALA B 79 -24.15 -29.37 9.38
CA ALA B 79 -23.09 -29.60 10.37
C ALA B 79 -23.07 -28.50 11.42
N LEU B 80 -23.23 -27.24 10.99
CA LEU B 80 -23.21 -26.13 11.94
C LEU B 80 -24.31 -26.27 12.98
N ALA B 81 -25.49 -26.75 12.58
CA ALA B 81 -26.60 -26.88 13.50
C ALA B 81 -26.30 -27.86 14.62
N ALA B 82 -25.42 -28.83 14.38
CA ALA B 82 -25.06 -29.83 15.39
C ALA B 82 -24.01 -29.33 16.37
N SER B 83 -23.48 -28.13 16.19
CA SER B 83 -22.48 -27.57 17.09
C SER B 83 -23.18 -26.73 18.17
N ASP B 84 -22.54 -26.65 19.33
CA ASP B 84 -23.07 -25.83 20.42
C ASP B 84 -22.59 -24.39 20.35
N ASP B 85 -21.80 -24.04 19.34
CA ASP B 85 -21.17 -22.74 19.26
C ASP B 85 -20.88 -22.39 17.81
N PRO B 86 -21.75 -21.61 17.15
CA PRO B 86 -21.51 -21.27 15.74
C PRO B 86 -20.15 -20.64 15.49
N GLY B 87 -19.70 -19.75 16.38
CA GLY B 87 -18.41 -19.11 16.18
C GLY B 87 -17.27 -20.09 16.10
N ARG B 88 -17.25 -21.06 17.02
CA ARG B 88 -16.19 -22.07 17.00
C ARG B 88 -16.29 -22.96 15.78
N TRP B 89 -17.51 -23.29 15.34
CA TRP B 89 -17.66 -24.17 14.18
C TRP B 89 -17.00 -23.59 12.95
N PHE B 90 -17.08 -22.27 12.77
CA PHE B 90 -16.50 -21.65 11.58
C PHE B 90 -14.97 -21.64 11.66
N ALA B 91 -14.42 -21.44 12.87
CA ALA B 91 -12.97 -21.55 13.03
C ALA B 91 -12.50 -22.98 12.76
N GLU B 92 -13.36 -23.97 12.99
CA GLU B 92 -13.01 -25.37 12.79
C GLU B 92 -13.18 -25.83 11.35
N ASN B 93 -13.70 -24.99 10.47
CA ASN B 93 -14.14 -25.45 9.15
C ASN B 93 -13.83 -24.40 8.07
N GLU B 94 -12.64 -23.82 8.13
CA GLU B 94 -12.29 -22.76 7.17
C GLU B 94 -12.34 -23.26 5.74
N SER B 95 -11.92 -24.50 5.49
CA SER B 95 -11.85 -24.99 4.12
C SER B 95 -13.24 -25.19 3.52
N LEU B 96 -14.20 -25.66 4.33
CA LEU B 96 -15.57 -25.79 3.84
C LEU B 96 -16.16 -24.44 3.48
N ILE B 97 -15.74 -23.38 4.18
CA ILE B 97 -16.25 -22.04 3.88
C ILE B 97 -15.78 -21.60 2.50
N HIS B 98 -14.49 -21.78 2.21
CA HIS B 98 -13.97 -21.37 0.91
C HIS B 98 -14.52 -22.24 -0.22
N SER B 99 -15.14 -23.37 0.10
CA SER B 99 -15.84 -24.18 -0.88
C SER B 99 -17.32 -23.81 -1.00
N THR B 100 -17.85 -23.01 -0.08
CA THR B 100 -19.24 -22.59 -0.17
C THR B 100 -19.39 -21.39 -1.10
N VAL B 101 -18.51 -20.40 -0.98
CA VAL B 101 -18.48 -19.24 -1.87
C VAL B 101 -17.06 -19.05 -2.37
N PHE B 102 -16.90 -18.92 -3.68
CA PHE B 102 -15.57 -18.84 -4.27
C PHE B 102 -15.63 -17.98 -5.54
N ALA B 103 -14.45 -17.60 -6.03
CA ALA B 103 -14.34 -16.84 -7.26
C ALA B 103 -13.91 -17.78 -8.38
N PRO B 104 -14.79 -18.13 -9.31
CA PRO B 104 -14.41 -19.09 -10.36
C PRO B 104 -13.25 -18.60 -11.19
N VAL B 105 -12.50 -19.55 -11.75
CA VAL B 105 -11.24 -19.24 -12.43
C VAL B 105 -11.40 -18.87 -13.89
N ALA B 106 -12.46 -19.34 -14.55
CA ALA B 106 -12.61 -19.14 -15.99
C ALA B 106 -12.80 -17.67 -16.29
N LYS B 107 -11.98 -17.15 -17.20
CA LYS B 107 -11.93 -15.70 -17.33
C LYS B 107 -12.99 -15.13 -18.27
N GLY B 108 -13.66 -15.96 -19.05
CA GLY B 108 -14.67 -15.50 -19.97
C GLY B 108 -16.05 -15.28 -19.37
N LEU B 109 -16.20 -15.38 -18.05
CA LEU B 109 -17.53 -15.27 -17.45
C LEU B 109 -18.14 -13.90 -17.67
N HIS B 110 -17.33 -12.84 -17.61
CA HIS B 110 -17.82 -11.49 -17.85
C HIS B 110 -18.47 -11.38 -19.22
N ARG B 111 -17.81 -11.90 -20.25
CA ARG B 111 -18.35 -11.87 -21.60
C ARG B 111 -19.61 -12.71 -21.72
N VAL B 112 -19.60 -13.91 -21.14
CA VAL B 112 -20.66 -14.87 -21.41
C VAL B 112 -21.97 -14.46 -20.74
N TYR B 113 -21.89 -13.74 -19.62
CA TYR B 113 -23.06 -13.33 -18.85
C TYR B 113 -23.07 -11.81 -18.72
N PRO B 114 -23.54 -11.12 -19.75
CA PRO B 114 -23.40 -9.65 -19.80
C PRO B 114 -24.32 -8.98 -18.79
N LEU B 115 -23.76 -7.99 -18.08
CA LEU B 115 -24.50 -7.20 -17.09
C LEU B 115 -25.16 -8.10 -16.07
N LEU B 116 -24.44 -9.15 -15.67
CA LEU B 116 -24.96 -10.18 -14.78
C LEU B 116 -25.56 -9.59 -13.51
N SER B 117 -26.73 -10.10 -13.14
CA SER B 117 -27.32 -9.86 -11.84
C SER B 117 -27.60 -11.20 -11.18
N VAL B 118 -28.45 -11.22 -10.17
CA VAL B 118 -29.03 -12.45 -9.65
C VAL B 118 -30.54 -12.33 -9.78
N ARG B 119 -31.19 -13.42 -10.17
CA ARG B 119 -32.59 -13.24 -10.52
C ARG B 119 -33.45 -13.17 -9.25
N PRO B 120 -34.45 -12.30 -9.23
CA PRO B 120 -35.32 -12.19 -8.05
C PRO B 120 -36.30 -13.34 -7.92
N GLU B 121 -36.04 -14.25 -6.99
CA GLU B 121 -36.90 -15.40 -6.74
C GLU B 121 -36.93 -15.72 -5.26
N VAL B 122 -38.08 -16.20 -4.79
CA VAL B 122 -38.25 -16.60 -3.40
C VAL B 122 -38.63 -18.08 -3.38
N PRO B 123 -38.09 -18.88 -2.47
CA PRO B 123 -38.42 -20.32 -2.45
C PRO B 123 -39.87 -20.56 -2.07
N ALA B 124 -40.31 -21.78 -2.36
CA ALA B 124 -41.67 -22.21 -2.02
C ALA B 124 -41.91 -22.08 -0.53
N GLY B 125 -43.06 -21.53 -0.17
CA GLY B 125 -43.48 -21.42 1.22
C GLY B 125 -42.48 -20.76 2.14
N TYR B 126 -41.87 -19.66 1.70
CA TYR B 126 -40.98 -18.92 2.56
C TYR B 126 -41.77 -18.17 3.62
N GLU B 127 -41.19 -18.04 4.80
CA GLU B 127 -41.76 -17.25 5.87
C GLU B 127 -40.64 -16.49 6.56
N ALA B 128 -41.03 -15.48 7.33
CA ALA B 128 -40.06 -14.72 8.10
C ALA B 128 -40.79 -13.86 9.12
N SER B 129 -40.14 -13.65 10.25
CA SER B 129 -40.60 -12.71 11.26
C SER B 129 -39.53 -11.74 11.71
N TRP B 130 -38.27 -11.96 11.33
CA TRP B 130 -37.14 -11.09 11.60
C TRP B 130 -36.44 -10.70 10.29
N PRO B 131 -35.94 -9.47 10.17
CA PRO B 131 -35.95 -8.31 11.09
C PRO B 131 -37.34 -7.77 11.39
N THR B 132 -38.29 -7.99 10.49
CA THR B 132 -39.69 -7.63 10.71
C THR B 132 -40.57 -8.75 10.18
N GLN B 133 -41.86 -8.65 10.49
CA GLN B 133 -42.82 -9.65 10.05
C GLN B 133 -42.95 -9.64 8.54
N ASP B 134 -42.88 -10.83 7.93
CA ASP B 134 -43.02 -11.02 6.49
C ASP B 134 -41.96 -10.28 5.68
N HIS B 135 -40.86 -9.90 6.34
CA HIS B 135 -39.71 -9.34 5.67
C HIS B 135 -39.31 -10.19 4.47
N MET B 136 -39.15 -9.55 3.32
CA MET B 136 -38.71 -10.25 2.13
C MET B 136 -37.31 -10.81 2.36
N PRO B 137 -36.98 -11.96 1.78
CA PRO B 137 -35.60 -12.45 1.83
C PRO B 137 -34.70 -11.52 1.02
N GLY B 138 -33.50 -11.31 1.53
CA GLY B 138 -32.58 -10.38 0.93
C GLY B 138 -31.71 -9.74 2.00
N LEU B 139 -31.10 -8.62 1.63
CA LEU B 139 -30.29 -7.86 2.59
C LEU B 139 -31.17 -6.96 3.43
N HIS B 140 -30.77 -6.75 4.68
CA HIS B 140 -31.28 -5.65 5.49
C HIS B 140 -30.12 -4.76 5.85
N LEU B 141 -30.07 -3.58 5.24
CA LEU B 141 -28.99 -2.64 5.49
C LEU B 141 -29.24 -1.87 6.77
N VAL B 142 -28.17 -1.68 7.54
CA VAL B 142 -28.16 -0.80 8.71
C VAL B 142 -27.13 0.28 8.41
N VAL B 143 -27.59 1.51 8.20
CA VAL B 143 -26.75 2.55 7.62
C VAL B 143 -26.63 3.73 8.57
N GLY B 144 -25.48 4.38 8.52
CA GLY B 144 -25.27 5.58 9.31
C GLY B 144 -25.09 5.28 10.78
N GLY B 145 -25.59 6.17 11.62
CA GLY B 145 -25.46 6.03 13.05
C GLY B 145 -24.16 6.59 13.57
N THR B 146 -23.36 5.73 14.20
CA THR B 146 -22.08 6.04 14.83
C THR B 146 -21.62 4.74 15.48
N GLY B 147 -20.37 4.75 15.96
CA GLY B 147 -19.81 3.57 16.59
C GLY B 147 -20.67 3.03 17.71
N ALA B 148 -20.77 3.77 18.81
CA ALA B 148 -21.58 3.32 19.95
C ALA B 148 -23.06 3.20 19.60
N GLY B 149 -23.51 3.90 18.55
CA GLY B 149 -24.88 3.77 18.09
C GLY B 149 -25.11 2.62 17.15
N LYS B 150 -24.07 2.22 16.41
CA LYS B 150 -24.16 0.99 15.63
C LYS B 150 -24.10 -0.24 16.53
N SER B 151 -23.21 -0.21 17.53
CA SER B 151 -23.15 -1.28 18.52
C SER B 151 -24.50 -1.51 19.17
N SER B 152 -25.18 -0.43 19.59
CA SER B 152 -26.45 -0.57 20.31
C SER B 152 -27.51 -1.19 19.43
N TYR B 153 -27.67 -0.70 18.19
CA TYR B 153 -28.73 -1.23 17.34
C TYR B 153 -28.48 -2.70 17.03
N LEU B 154 -27.23 -3.09 16.82
CA LEU B 154 -26.92 -4.49 16.58
C LEU B 154 -27.15 -5.32 17.82
N ALA B 155 -26.79 -4.80 19.00
CA ALA B 155 -27.02 -5.50 20.25
C ALA B 155 -28.51 -5.69 20.54
N SER B 156 -29.36 -4.87 19.95
CA SER B 156 -30.80 -4.92 20.17
C SER B 156 -31.53 -5.86 19.20
N GLN B 157 -30.80 -6.51 18.30
CA GLN B 157 -31.43 -7.32 17.26
C GLN B 157 -31.41 -8.82 17.59
N ASP B 158 -30.82 -9.21 18.71
CA ASP B 158 -30.73 -10.62 19.11
C ASP B 158 -30.09 -11.47 18.02
N LEU B 159 -28.87 -11.10 17.67
CA LEU B 159 -28.12 -11.79 16.62
C LEU B 159 -27.39 -12.98 17.20
N THR B 160 -27.29 -14.05 16.41
CA THR B 160 -26.50 -15.21 16.81
C THR B 160 -25.03 -14.83 16.95
N LEU B 161 -24.48 -14.14 15.94
CA LEU B 161 -23.20 -13.46 16.09
C LEU B 161 -23.04 -12.43 14.98
N VAL B 162 -22.03 -11.59 15.14
CA VAL B 162 -21.70 -10.54 14.17
C VAL B 162 -20.47 -10.98 13.41
N ILE B 163 -20.58 -11.06 12.08
CA ILE B 163 -19.44 -11.37 11.23
C ILE B 163 -18.64 -10.10 11.02
N ARG B 164 -17.41 -10.08 11.51
CA ARG B 164 -16.57 -8.89 11.54
C ARG B 164 -15.60 -8.92 10.37
N TRP B 165 -15.70 -7.92 9.49
CA TRP B 165 -14.94 -7.91 8.24
C TRP B 165 -14.51 -6.48 7.92
N GLY B 166 -13.22 -6.29 7.69
CA GLY B 166 -12.72 -5.02 7.18
C GLY B 166 -12.71 -3.89 8.17
N GLU B 167 -12.87 -4.17 9.46
CA GLU B 167 -12.85 -3.17 10.52
C GLU B 167 -11.66 -3.43 11.44
N PRO B 168 -11.07 -2.37 12.02
CA PRO B 168 -9.95 -2.58 12.93
C PRO B 168 -10.40 -3.32 14.19
N ALA B 169 -9.49 -4.14 14.71
CA ALA B 169 -9.80 -4.93 15.89
C ALA B 169 -10.08 -4.03 17.08
N GLU B 170 -11.23 -4.24 17.72
CA GLU B 170 -11.55 -3.52 18.94
C GLU B 170 -11.99 -4.51 20.03
N ARG B 171 -12.40 -3.99 21.18
CA ARG B 171 -12.73 -4.84 22.32
C ARG B 171 -13.77 -5.89 21.95
N PHE B 172 -14.70 -5.54 21.05
CA PHE B 172 -15.77 -6.45 20.67
C PHE B 172 -15.26 -7.71 20.01
N ASP B 173 -14.14 -7.62 19.29
CA ASP B 173 -13.55 -8.79 18.64
C ASP B 173 -12.87 -9.73 19.62
N VAL B 174 -12.66 -9.30 20.85
CA VAL B 174 -12.15 -10.17 21.91
C VAL B 174 -13.29 -10.77 22.72
N GLU B 175 -14.24 -9.93 23.13
CA GLU B 175 -15.22 -10.30 24.14
C GLU B 175 -16.57 -10.71 23.57
N GLY B 176 -16.93 -10.24 22.38
CA GLY B 176 -18.27 -10.41 21.87
C GLY B 176 -18.50 -11.74 21.18
N ALA B 177 -19.76 -11.93 20.75
CA ALA B 177 -20.15 -13.09 19.97
C ALA B 177 -19.88 -12.76 18.50
N THR B 178 -18.66 -13.07 18.05
CA THR B 178 -18.22 -12.69 16.72
C THR B 178 -17.49 -13.84 16.03
N HIS B 179 -17.36 -13.69 14.72
CA HIS B 179 -16.41 -14.44 13.93
C HIS B 179 -15.74 -13.48 12.96
N ALA B 180 -14.43 -13.35 13.05
CA ALA B 180 -13.68 -12.47 12.17
C ALA B 180 -13.38 -13.17 10.86
N VAL B 181 -13.55 -12.46 9.74
CA VAL B 181 -13.21 -12.98 8.42
C VAL B 181 -12.32 -11.97 7.71
N SER B 182 -11.78 -12.40 6.57
CA SER B 182 -10.77 -11.65 5.84
C SER B 182 -11.23 -11.12 4.49
N ASP B 183 -12.16 -11.78 3.82
CA ASP B 183 -12.56 -11.38 2.47
C ASP B 183 -14.06 -11.60 2.27
N LEU B 184 -14.55 -11.15 1.12
CA LEU B 184 -15.99 -11.14 0.87
C LEU B 184 -16.54 -12.55 0.66
N ASN B 185 -15.71 -13.47 0.16
CA ASN B 185 -16.15 -14.86 0.05
C ASN B 185 -16.53 -15.41 1.42
N GLU B 186 -15.64 -15.24 2.41
CA GLU B 186 -15.91 -15.75 3.76
C GLU B 186 -17.09 -15.03 4.40
N ALA B 187 -17.14 -13.70 4.27
CA ALA B 187 -18.24 -12.94 4.86
C ALA B 187 -19.58 -13.45 4.37
N LEU B 188 -19.73 -13.60 3.05
CA LEU B 188 -20.98 -14.10 2.49
C LEU B 188 -21.21 -15.55 2.88
N ALA B 189 -20.15 -16.38 2.82
CA ALA B 189 -20.30 -17.79 3.14
C ALA B 189 -20.80 -17.99 4.57
N VAL B 190 -20.12 -17.36 5.54
CA VAL B 190 -20.50 -17.51 6.94
C VAL B 190 -21.94 -17.08 7.16
N ALA B 191 -22.32 -15.94 6.55
CA ALA B 191 -23.68 -15.43 6.74
C ALA B 191 -24.70 -16.34 6.08
N PHE B 192 -24.39 -16.88 4.90
CA PHE B 192 -25.31 -17.81 4.25
C PHE B 192 -25.50 -19.08 5.08
N VAL B 193 -24.42 -19.62 5.62
CA VAL B 193 -24.50 -20.89 6.34
C VAL B 193 -25.29 -20.71 7.63
N MET B 194 -25.02 -19.63 8.36
CA MET B 194 -25.77 -19.35 9.59
C MET B 194 -27.26 -19.24 9.31
N ALA B 195 -27.63 -18.48 8.27
CA ALA B 195 -29.03 -18.19 8.02
C ALA B 195 -29.77 -19.44 7.55
N ARG B 196 -29.15 -20.27 6.72
CA ARG B 196 -29.76 -21.53 6.33
C ARG B 196 -29.87 -22.50 7.50
N ALA B 197 -29.03 -22.34 8.52
CA ALA B 197 -29.13 -23.13 9.74
C ALA B 197 -30.20 -22.61 10.68
N GLY B 198 -30.76 -21.44 10.41
CA GLY B 198 -31.76 -20.83 11.26
C GLY B 198 -31.25 -19.76 12.20
N TYR B 199 -29.96 -19.43 12.14
CA TYR B 199 -29.38 -18.40 12.97
C TYR B 199 -29.55 -17.04 12.32
N ARG B 200 -29.31 -15.98 13.11
CA ARG B 200 -29.45 -14.62 12.62
C ARG B 200 -28.08 -13.96 12.49
N PRO B 201 -27.56 -13.78 11.28
CA PRO B 201 -26.25 -13.15 11.14
C PRO B 201 -26.32 -11.68 10.78
N ALA B 202 -25.32 -10.91 11.22
CA ALA B 202 -25.14 -9.55 10.76
C ALA B 202 -23.68 -9.37 10.36
N ILE B 203 -23.44 -8.67 9.25
CA ILE B 203 -22.10 -8.44 8.74
C ILE B 203 -21.70 -7.01 9.08
N ASP B 204 -20.62 -6.88 9.84
CA ASP B 204 -20.04 -5.59 10.23
C ASP B 204 -18.59 -5.59 9.73
N SER B 205 -18.35 -5.07 8.52
CA SER B 205 -19.34 -4.37 7.71
C SER B 205 -19.02 -4.52 6.22
N PHE B 206 -19.78 -3.86 5.35
CA PHE B 206 -19.45 -3.79 3.92
C PHE B 206 -18.48 -2.67 3.60
N ARG B 207 -17.59 -2.32 4.54
CA ARG B 207 -16.70 -1.19 4.35
C ARG B 207 -15.79 -1.38 3.14
N ASN B 208 -15.39 -2.62 2.85
CA ASN B 208 -14.53 -2.85 1.69
C ASN B 208 -15.29 -2.90 0.36
N LEU B 209 -16.59 -3.23 0.35
CA LEU B 209 -17.34 -2.95 -0.88
C LEU B 209 -17.35 -1.46 -1.19
N VAL B 210 -17.67 -0.64 -0.19
CA VAL B 210 -17.77 0.80 -0.43
C VAL B 210 -16.44 1.35 -0.91
N PHE B 211 -15.34 0.95 -0.26
CA PHE B 211 -14.03 1.42 -0.68
C PHE B 211 -13.56 0.73 -1.95
N GLY B 212 -13.90 -0.54 -2.12
CA GLY B 212 -13.31 -1.34 -3.19
C GLY B 212 -13.97 -1.23 -4.55
N ILE B 213 -15.26 -0.93 -4.57
CA ILE B 213 -16.03 -0.89 -5.80
C ILE B 213 -16.05 0.55 -6.30
N GLU B 214 -15.30 0.82 -7.36
CA GLU B 214 -15.21 2.15 -7.96
C GLU B 214 -15.89 2.14 -9.32
N SER B 215 -16.70 3.16 -9.58
CA SER B 215 -17.34 3.35 -10.88
C SER B 215 -17.77 4.81 -10.99
N ALA B 216 -18.58 5.11 -11.98
CA ALA B 216 -19.05 6.47 -12.21
C ALA B 216 -19.93 6.96 -11.06
N GLY B 221 -23.08 10.98 -4.69
CA GLY B 221 -21.70 10.92 -5.15
C GLY B 221 -21.11 9.54 -5.02
N ILE B 222 -21.97 8.52 -5.03
CA ILE B 222 -21.55 7.13 -4.83
C ILE B 222 -21.33 6.47 -6.18
N SER B 223 -20.23 5.73 -6.29
CA SER B 223 -20.00 4.87 -7.44
C SER B 223 -21.19 3.94 -7.63
N THR B 224 -21.72 3.94 -8.84
CA THR B 224 -23.02 3.33 -9.11
C THR B 224 -23.01 1.81 -8.95
N ALA B 225 -21.85 1.17 -9.02
CA ALA B 225 -21.82 -0.29 -8.95
C ALA B 225 -22.04 -0.81 -7.53
N LEU B 226 -21.96 0.06 -6.51
CA LEU B 226 -22.32 -0.37 -5.17
C LEU B 226 -23.78 -0.78 -5.09
N TYR B 227 -24.65 -0.09 -5.85
CA TYR B 227 -26.07 -0.36 -5.79
C TYR B 227 -26.43 -1.71 -6.41
N SER B 228 -25.91 -1.98 -7.62
CA SER B 228 -26.19 -3.26 -8.25
C SER B 228 -25.52 -4.40 -7.51
N ALA B 229 -24.35 -4.15 -6.91
CA ALA B 229 -23.70 -5.17 -6.09
C ALA B 229 -24.60 -5.61 -4.95
N MET B 230 -25.23 -4.64 -4.29
CA MET B 230 -26.09 -4.98 -3.17
C MET B 230 -27.36 -5.64 -3.65
N THR B 231 -27.88 -5.21 -4.81
CA THR B 231 -29.02 -5.90 -5.40
C THR B 231 -28.69 -7.35 -5.74
N ALA B 232 -27.48 -7.59 -6.26
CA ALA B 232 -27.07 -8.95 -6.57
C ALA B 232 -26.94 -9.78 -5.31
N ILE B 233 -26.23 -9.27 -4.30
CA ILE B 233 -26.14 -9.95 -3.01
C ILE B 233 -27.53 -10.07 -2.38
N ASN B 234 -28.36 -9.04 -2.54
CA ASN B 234 -29.73 -9.12 -2.04
C ASN B 234 -30.49 -10.28 -2.68
N ASN B 235 -30.36 -10.45 -3.99
CA ASN B 235 -31.18 -11.42 -4.69
C ASN B 235 -30.69 -12.85 -4.52
N VAL B 236 -29.41 -13.07 -4.22
CA VAL B 236 -28.99 -14.43 -3.87
C VAL B 236 -29.57 -14.81 -2.51
N CYS B 237 -29.65 -13.85 -1.58
CA CYS B 237 -30.33 -14.11 -0.32
C CYS B 237 -31.79 -14.48 -0.55
N SER B 238 -32.45 -13.78 -1.46
CA SER B 238 -33.85 -14.10 -1.74
C SER B 238 -33.98 -15.48 -2.37
N ARG B 239 -33.06 -15.84 -3.27
CA ARG B 239 -33.05 -17.18 -3.83
C ARG B 239 -32.83 -18.22 -2.73
N LEU B 240 -31.91 -17.93 -1.80
CA LEU B 240 -31.65 -18.81 -0.66
C LEU B 240 -32.76 -18.78 0.37
N GLY B 241 -33.67 -17.81 0.31
CA GLY B 241 -34.74 -17.70 1.27
C GLY B 241 -34.25 -17.32 2.66
N ILE B 242 -33.37 -16.32 2.73
CA ILE B 242 -32.78 -15.87 3.99
C ILE B 242 -32.75 -14.35 4.02
N VAL B 243 -32.55 -13.80 5.21
CA VAL B 243 -32.26 -12.39 5.40
C VAL B 243 -30.91 -12.27 6.09
N VAL B 244 -30.06 -11.38 5.58
CA VAL B 244 -28.77 -11.10 6.17
C VAL B 244 -28.70 -9.62 6.48
N MET B 245 -28.46 -9.29 7.75
CA MET B 245 -28.29 -7.90 8.16
C MET B 245 -26.85 -7.47 7.89
N VAL B 246 -26.68 -6.28 7.33
CA VAL B 246 -25.36 -5.79 6.95
C VAL B 246 -25.20 -4.33 7.32
N VAL B 247 -24.13 -4.01 8.04
CA VAL B 247 -23.76 -2.63 8.33
C VAL B 247 -23.04 -2.07 7.12
N VAL B 248 -23.48 -0.89 6.66
CA VAL B 248 -22.86 -0.24 5.50
C VAL B 248 -22.94 1.28 5.68
N ASN B 249 -21.78 1.93 5.65
CA ASN B 249 -21.67 3.39 5.69
C ASN B 249 -21.19 3.86 4.32
N PRO B 250 -22.06 4.41 3.48
CA PRO B 250 -21.64 4.85 2.14
C PRO B 250 -20.68 6.01 2.17
N MET B 251 -20.59 6.74 3.28
CA MET B 251 -19.77 7.93 3.40
C MET B 251 -20.12 8.94 2.31
N ALA B 252 -21.38 9.36 2.32
CA ALA B 252 -21.82 10.43 1.45
C ALA B 252 -21.72 11.77 2.18
N THR B 253 -21.64 12.85 1.41
CA THR B 253 -21.82 14.16 2.00
C THR B 253 -23.20 14.24 2.63
N GLU B 254 -23.31 15.03 3.70
CA GLU B 254 -24.60 15.19 4.35
C GLU B 254 -25.64 15.78 3.41
N ALA B 255 -25.21 16.49 2.37
CA ALA B 255 -26.14 17.03 1.40
C ALA B 255 -26.77 15.93 0.55
N LYS B 256 -25.93 15.05 0.00
CA LYS B 256 -26.42 13.96 -0.84
C LYS B 256 -26.87 12.74 -0.05
N ALA B 257 -26.83 12.81 1.28
CA ALA B 257 -27.07 11.62 2.09
C ALA B 257 -28.49 11.08 1.94
N GLU B 258 -29.47 11.97 1.87
CA GLU B 258 -30.86 11.53 1.81
C GLU B 258 -31.17 10.85 0.47
N LEU B 259 -30.55 11.33 -0.62
CA LEU B 259 -30.71 10.70 -1.92
C LEU B 259 -29.96 9.37 -1.99
N VAL B 260 -28.71 9.38 -1.51
CA VAL B 260 -27.92 8.15 -1.35
C VAL B 260 -28.72 7.05 -0.67
N TYR B 261 -29.28 7.34 0.52
CA TYR B 261 -30.00 6.30 1.24
C TYR B 261 -31.24 5.84 0.48
N ASN B 262 -31.84 6.74 -0.31
CA ASN B 262 -32.97 6.35 -1.15
C ASN B 262 -32.54 5.33 -2.19
N ASN B 263 -31.41 5.56 -2.84
CA ASN B 263 -30.90 4.62 -3.85
C ASN B 263 -30.60 3.27 -3.23
N MET B 264 -30.04 3.26 -2.02
CA MET B 264 -29.73 2.00 -1.35
C MET B 264 -30.99 1.21 -1.05
N ALA B 265 -32.01 1.89 -0.50
CA ALA B 265 -33.25 1.20 -0.17
C ALA B 265 -33.88 0.60 -1.42
N ALA B 266 -33.78 1.29 -2.55
CA ALA B 266 -34.33 0.76 -3.80
C ALA B 266 -33.56 -0.45 -4.32
N SER B 267 -32.43 -0.78 -3.70
CA SER B 267 -31.60 -1.88 -4.15
C SER B 267 -31.78 -3.16 -3.34
N VAL B 268 -32.41 -3.10 -2.17
CA VAL B 268 -32.41 -4.21 -1.23
C VAL B 268 -33.82 -4.45 -0.69
N ALA B 269 -33.93 -5.52 0.09
CA ALA B 269 -35.21 -5.88 0.69
C ALA B 269 -35.63 -4.90 1.77
N GLY B 270 -34.68 -4.46 2.60
CA GLY B 270 -35.00 -3.57 3.69
C GLY B 270 -33.79 -2.79 4.14
N MET B 271 -34.05 -1.70 4.88
CA MET B 271 -32.98 -0.79 5.26
C MET B 271 -33.42 0.04 6.46
N THR B 272 -32.54 0.12 7.46
CA THR B 272 -32.72 0.97 8.64
C THR B 272 -31.68 2.08 8.63
N VAL B 273 -32.14 3.31 8.77
CA VAL B 273 -31.27 4.48 8.89
C VAL B 273 -31.19 4.88 10.36
N LEU B 274 -29.98 5.04 10.87
CA LEU B 274 -29.75 5.41 12.27
C LEU B 274 -29.27 6.86 12.33
N MET B 275 -29.88 7.65 13.21
CA MET B 275 -29.40 8.98 13.54
C MET B 275 -29.38 9.12 15.05
N ASP B 276 -28.23 9.48 15.62
CA ASP B 276 -28.11 9.75 17.04
C ASP B 276 -28.78 8.65 17.88
N GLY B 277 -28.35 7.41 17.61
CA GLY B 277 -28.79 6.27 18.38
C GLY B 277 -30.18 5.75 18.10
N ALA B 278 -31.01 6.51 17.38
CA ALA B 278 -32.40 6.13 17.15
C ALA B 278 -32.63 5.80 15.69
N VAL B 279 -33.73 5.09 15.43
CA VAL B 279 -34.15 4.74 14.08
C VAL B 279 -34.85 5.95 13.48
N SER B 280 -34.26 6.54 12.45
CA SER B 280 -34.87 7.68 11.78
C SER B 280 -35.70 7.28 10.57
N LYS B 281 -35.36 6.17 9.92
CA LYS B 281 -36.17 5.65 8.82
C LYS B 281 -35.95 4.16 8.70
N GLN B 282 -37.03 3.43 8.42
CA GLN B 282 -36.97 2.00 8.13
C GLN B 282 -37.96 1.69 7.03
N THR B 283 -37.45 1.13 5.93
CA THR B 283 -38.26 0.73 4.78
C THR B 283 -38.03 -0.77 4.55
N VAL B 284 -39.12 -1.53 4.42
CA VAL B 284 -39.03 -2.97 4.26
C VAL B 284 -40.04 -3.42 3.20
N ARG B 285 -39.56 -4.18 2.22
CA ARG B 285 -40.45 -4.92 1.34
C ARG B 285 -40.92 -6.18 2.03
N THR B 286 -42.21 -6.46 1.95
CA THR B 286 -42.82 -7.56 2.69
C THR B 286 -43.65 -8.43 1.77
N LEU B 287 -44.01 -9.61 2.28
CA LEU B 287 -45.00 -10.47 1.67
C LEU B 287 -46.36 -10.17 2.27
N SER B 288 -47.33 -11.04 2.01
CA SER B 288 -48.61 -10.98 2.72
C SER B 288 -48.91 -12.33 3.35
N PRO C 18 33.21 15.91 -34.71
CA PRO C 18 32.71 16.01 -33.34
C PRO C 18 31.56 15.04 -33.08
N ALA C 19 31.83 13.95 -32.37
CA ALA C 19 30.81 12.94 -32.14
C ALA C 19 31.10 12.20 -30.83
N ARG C 20 30.15 11.36 -30.44
CA ARG C 20 30.22 10.59 -29.21
C ARG C 20 30.38 9.11 -29.55
N THR C 21 31.40 8.47 -28.98
CA THR C 21 31.66 7.06 -29.25
C THR C 21 30.83 6.19 -28.31
N ARG C 22 29.95 5.37 -28.90
CA ARG C 22 29.25 4.30 -28.20
C ARG C 22 29.92 2.99 -28.59
N LYS C 23 30.42 2.25 -27.60
CA LYS C 23 31.06 0.98 -27.92
C LYS C 23 30.15 -0.15 -27.48
N PRO C 24 29.13 -0.49 -28.28
CA PRO C 24 28.08 -1.41 -27.83
C PRO C 24 28.55 -2.84 -27.67
N LYS C 25 29.75 -3.17 -28.15
CA LYS C 25 30.28 -4.52 -27.95
C LYS C 25 30.47 -4.81 -26.48
N ASN C 26 30.98 -3.84 -25.72
CA ASN C 26 31.47 -4.11 -24.38
C ASN C 26 30.41 -3.83 -23.31
N GLU C 27 29.14 -4.00 -23.65
CA GLU C 27 28.04 -3.56 -22.80
C GLU C 27 27.26 -4.79 -22.32
N THR C 28 27.14 -4.92 -21.00
CA THR C 28 26.67 -6.16 -20.38
C THR C 28 25.29 -6.02 -19.74
N VAL C 29 24.63 -4.86 -19.86
CA VAL C 29 23.29 -4.73 -19.31
C VAL C 29 22.32 -5.51 -20.18
N ALA C 30 21.61 -6.46 -19.57
CA ALA C 30 20.58 -7.20 -20.30
C ALA C 30 19.46 -6.26 -20.71
N LEU C 31 19.16 -6.22 -22.01
CA LEU C 31 18.17 -5.29 -22.54
C LEU C 31 16.84 -5.92 -22.90
N VAL C 32 16.76 -7.25 -23.05
CA VAL C 32 15.53 -7.86 -23.54
C VAL C 32 15.29 -9.24 -22.94
N VAL C 33 16.36 -9.91 -22.50
CA VAL C 33 16.24 -11.24 -21.90
C VAL C 33 16.19 -11.06 -20.38
N GLU C 34 15.05 -11.41 -19.79
CA GLU C 34 14.90 -11.35 -18.35
C GLU C 34 14.75 -12.76 -17.78
N ALA C 35 14.94 -12.85 -16.47
CA ALA C 35 14.88 -14.13 -15.79
C ALA C 35 13.54 -14.80 -16.00
N THR C 36 13.58 -16.10 -16.27
CA THR C 36 12.39 -16.92 -16.42
C THR C 36 12.34 -18.08 -15.43
N THR C 37 13.41 -18.30 -14.67
CA THR C 37 13.50 -19.34 -13.65
C THR C 37 13.96 -18.73 -12.34
N GLU C 38 13.80 -19.49 -11.25
CA GLU C 38 14.21 -19.00 -9.94
C GLU C 38 15.71 -18.76 -9.88
N ALA C 39 16.49 -19.66 -10.50
CA ALA C 39 17.94 -19.48 -10.52
C ALA C 39 18.32 -18.19 -11.24
N GLU C 40 17.73 -17.95 -12.41
CA GLU C 40 18.00 -16.71 -13.14
C GLU C 40 17.50 -15.50 -12.35
N ALA C 41 16.37 -15.64 -11.66
CA ALA C 41 15.82 -14.54 -10.88
C ALA C 41 16.75 -14.10 -9.76
N LYS C 42 17.67 -14.96 -9.33
CA LYS C 42 18.59 -14.62 -8.25
C LYS C 42 19.76 -13.76 -8.72
N LYS C 43 19.96 -13.60 -10.03
CA LYS C 43 21.07 -12.84 -10.56
C LYS C 43 20.86 -11.34 -10.33
N SER C 44 21.91 -10.57 -10.63
CA SER C 44 21.87 -9.13 -10.51
C SER C 44 20.89 -8.52 -11.51
N LEU C 45 20.50 -7.26 -11.24
CA LEU C 45 19.60 -6.56 -12.16
C LEU C 45 20.29 -6.33 -13.50
N ARG C 46 21.61 -6.10 -13.50
CA ARG C 46 22.36 -6.03 -14.73
C ARG C 46 22.13 -7.25 -15.61
N GLU C 47 22.06 -8.43 -14.99
CA GLU C 47 21.96 -9.69 -15.71
C GLU C 47 20.52 -10.09 -16.03
N GLY C 48 19.55 -9.25 -15.73
CA GLY C 48 18.16 -9.61 -15.94
C GLY C 48 17.50 -10.32 -14.79
N GLY C 49 18.15 -10.40 -13.64
CA GLY C 49 17.55 -10.97 -12.45
C GLY C 49 16.73 -9.95 -11.69
N LEU C 50 16.23 -10.38 -10.54
CA LEU C 50 15.34 -9.55 -9.73
C LEU C 50 15.93 -9.18 -8.37
N VAL C 51 17.16 -9.58 -8.08
CA VAL C 51 17.79 -9.33 -6.79
C VAL C 51 19.02 -8.47 -7.03
N PRO C 52 19.13 -7.30 -6.43
CA PRO C 52 20.31 -6.45 -6.66
C PRO C 52 21.54 -7.02 -6.00
N ALA C 53 22.66 -6.95 -6.72
CA ALA C 53 23.94 -7.24 -6.10
C ALA C 53 24.28 -6.13 -5.10
N ALA C 54 25.30 -6.38 -4.29
CA ALA C 54 25.67 -5.43 -3.25
C ALA C 54 26.07 -4.07 -3.81
N HIS C 55 26.45 -4.00 -5.08
CA HIS C 55 26.86 -2.75 -5.70
C HIS C 55 25.78 -2.12 -6.56
N GLU C 56 24.57 -2.67 -6.57
CA GLU C 56 23.45 -2.10 -7.29
C GLU C 56 22.47 -1.50 -6.29
N ILE C 57 22.07 -0.24 -6.54
CA ILE C 57 21.00 0.41 -5.78
C ILE C 57 19.89 0.73 -6.76
N MET C 58 18.68 0.27 -6.46
CA MET C 58 17.53 0.61 -7.30
C MET C 58 17.10 2.05 -7.04
N ILE C 59 16.58 2.69 -8.08
CA ILE C 59 16.11 4.07 -7.98
C ILE C 59 14.69 4.14 -8.54
N PRO C 60 13.66 4.14 -7.69
CA PRO C 60 12.29 4.25 -8.21
C PRO C 60 11.95 5.69 -8.56
N VAL C 61 11.38 5.89 -9.75
CA VAL C 61 11.00 7.21 -10.24
C VAL C 61 9.66 7.04 -10.96
N GLY C 62 8.57 7.48 -10.33
CA GLY C 62 7.27 7.24 -10.90
C GLY C 62 6.99 5.76 -10.97
N ASN C 63 6.66 5.26 -12.16
CA ASN C 63 6.44 3.84 -12.37
C ASN C 63 7.66 3.15 -12.99
N MET C 64 8.80 3.81 -13.02
CA MET C 64 10.04 3.24 -13.53
C MET C 64 10.96 2.88 -12.38
N ILE C 65 11.81 1.89 -12.60
CA ILE C 65 12.85 1.52 -11.64
C ILE C 65 14.18 1.53 -12.38
N LEU C 66 15.03 2.49 -12.04
CA LEU C 66 16.39 2.57 -12.51
C LEU C 66 17.32 1.90 -11.50
N ALA C 67 18.59 1.77 -11.86
CA ALA C 67 19.58 1.18 -10.98
C ALA C 67 20.92 1.85 -11.22
N VAL C 68 21.67 2.04 -10.14
CA VAL C 68 23.03 2.58 -10.20
C VAL C 68 23.99 1.46 -9.83
N ASP C 69 25.06 1.32 -10.61
CA ASP C 69 26.13 0.38 -10.33
C ASP C 69 27.28 1.14 -9.69
N THR C 70 27.48 0.95 -8.39
CA THR C 70 28.48 1.73 -7.67
C THR C 70 29.90 1.31 -8.01
N GLN C 71 30.11 0.06 -8.41
CA GLN C 71 31.42 -0.35 -8.90
C GLN C 71 31.77 0.40 -10.17
N VAL C 72 30.90 0.32 -11.18
CA VAL C 72 31.13 1.02 -12.44
C VAL C 72 31.22 2.53 -12.21
N LEU C 73 30.34 3.06 -11.35
CA LEU C 73 30.38 4.46 -10.99
C LEU C 73 31.75 4.87 -10.46
N ASP C 74 32.31 4.08 -9.55
CA ASP C 74 33.58 4.43 -8.91
C ASP C 74 34.73 4.44 -9.91
N LYS C 75 34.83 3.40 -10.74
CA LYS C 75 35.91 3.36 -11.73
C LYS C 75 35.75 4.47 -12.75
N CYS C 76 34.51 4.81 -13.09
CA CYS C 76 34.27 5.93 -13.97
C CYS C 76 34.77 7.23 -13.35
N ALA C 77 34.53 7.41 -12.06
CA ALA C 77 34.92 8.65 -11.40
C ALA C 77 36.44 8.80 -11.36
N LEU C 78 37.16 7.72 -11.08
CA LEU C 78 38.61 7.78 -11.05
C LEU C 78 39.18 8.04 -12.45
N ALA C 79 38.55 7.45 -13.48
CA ALA C 79 38.99 7.71 -14.84
C ALA C 79 38.73 9.16 -15.23
N LEU C 80 37.51 9.64 -14.99
CA LEU C 80 37.19 11.04 -15.27
C LEU C 80 38.14 11.98 -14.56
N ALA C 81 38.44 11.70 -13.29
CA ALA C 81 39.36 12.54 -12.53
C ALA C 81 40.76 12.52 -13.14
N ALA C 82 41.16 11.39 -13.72
CA ALA C 82 42.48 11.28 -14.34
C ALA C 82 42.53 11.91 -15.73
N SER C 83 41.39 12.02 -16.40
CA SER C 83 41.36 12.52 -17.77
C SER C 83 41.73 14.01 -17.81
N ASP C 84 42.01 14.49 -19.02
CA ASP C 84 42.35 15.89 -19.21
C ASP C 84 41.11 16.76 -19.29
N ASP C 85 40.02 16.25 -19.85
CA ASP C 85 38.83 17.05 -20.10
C ASP C 85 37.56 16.30 -19.71
N PRO C 86 36.88 16.72 -18.65
CA PRO C 86 35.62 16.06 -18.26
C PRO C 86 34.64 15.92 -19.41
N GLY C 87 34.40 17.01 -20.14
CA GLY C 87 33.44 16.97 -21.22
C GLY C 87 33.79 15.96 -22.30
N ARG C 88 35.07 15.87 -22.65
CA ARG C 88 35.41 15.01 -23.77
C ARG C 88 35.20 13.56 -23.36
N TRP C 89 35.61 13.25 -22.12
CA TRP C 89 35.48 11.91 -21.55
C TRP C 89 34.03 11.44 -21.58
N PHE C 90 33.10 12.26 -21.09
CA PHE C 90 31.70 11.89 -21.14
C PHE C 90 31.23 11.68 -22.58
N ALA C 91 31.74 12.49 -23.50
CA ALA C 91 31.39 12.31 -24.91
C ALA C 91 31.92 10.99 -25.45
N GLU C 92 33.12 10.59 -25.04
CA GLU C 92 33.71 9.36 -25.55
C GLU C 92 33.22 8.10 -24.84
N ASN C 93 32.47 8.22 -23.74
CA ASN C 93 32.17 7.04 -22.94
C ASN C 93 30.67 6.85 -22.69
N GLU C 94 29.85 6.96 -23.74
CA GLU C 94 28.42 6.67 -23.59
C GLU C 94 28.19 5.27 -23.03
N SER C 95 29.00 4.30 -23.46
CA SER C 95 28.82 2.92 -23.02
C SER C 95 28.98 2.82 -21.51
N LEU C 96 30.03 3.42 -20.96
CA LEU C 96 30.25 3.39 -19.53
C LEU C 96 29.17 4.17 -18.78
N ILE C 97 28.66 5.25 -19.38
CA ILE C 97 27.56 5.99 -18.76
C ILE C 97 26.31 5.14 -18.69
N HIS C 98 25.98 4.46 -19.79
CA HIS C 98 24.79 3.61 -19.79
C HIS C 98 24.97 2.35 -18.96
N SER C 99 26.22 2.03 -18.59
CA SER C 99 26.49 0.93 -17.66
C SER C 99 26.48 1.40 -16.21
N THR C 100 26.51 2.71 -15.95
CA THR C 100 26.50 3.23 -14.60
C THR C 100 25.07 3.36 -14.06
N VAL C 101 24.16 3.92 -14.85
CA VAL C 101 22.74 4.00 -14.51
C VAL C 101 21.94 3.42 -15.66
N PHE C 102 21.12 2.41 -15.37
CA PHE C 102 20.33 1.74 -16.38
C PHE C 102 18.97 1.36 -15.80
N ALA C 103 18.06 0.97 -16.70
CA ALA C 103 16.76 0.48 -16.29
C ALA C 103 16.73 -1.03 -16.45
N PRO C 104 16.74 -1.79 -15.35
CA PRO C 104 16.80 -3.26 -15.48
C PRO C 104 15.59 -3.81 -16.23
N VAL C 105 15.79 -4.98 -16.83
CA VAL C 105 14.79 -5.51 -17.75
C VAL C 105 13.72 -6.33 -17.03
N ALA C 106 14.04 -6.91 -15.88
CA ALA C 106 13.09 -7.80 -15.21
C ALA C 106 11.84 -7.03 -14.78
N LYS C 107 10.68 -7.56 -15.17
CA LYS C 107 9.42 -6.85 -15.00
C LYS C 107 8.83 -6.99 -13.60
N GLY C 108 9.27 -7.99 -12.83
CA GLY C 108 8.70 -8.21 -11.52
C GLY C 108 9.16 -7.29 -10.41
N LEU C 109 10.04 -6.32 -10.70
CA LEU C 109 10.64 -5.52 -9.66
C LEU C 109 9.61 -4.72 -8.88
N HIS C 110 8.56 -4.23 -9.57
CA HIS C 110 7.51 -3.47 -8.90
C HIS C 110 6.82 -4.31 -7.83
N ARG C 111 6.49 -5.56 -8.16
CA ARG C 111 5.81 -6.42 -7.19
C ARG C 111 6.74 -6.81 -6.05
N VAL C 112 7.99 -7.17 -6.37
CA VAL C 112 8.89 -7.72 -5.37
C VAL C 112 9.29 -6.67 -4.34
N TYR C 113 9.36 -5.39 -4.75
CA TYR C 113 9.81 -4.31 -3.87
C TYR C 113 8.70 -3.26 -3.76
N PRO C 114 7.66 -3.55 -2.99
CA PRO C 114 6.46 -2.69 -2.99
C PRO C 114 6.74 -1.32 -2.40
N LEU C 115 6.23 -0.29 -3.08
CA LEU C 115 6.37 1.11 -2.67
C LEU C 115 7.84 1.46 -2.43
N LEU C 116 8.68 1.01 -3.35
CA LEU C 116 10.12 1.14 -3.18
C LEU C 116 10.54 2.60 -3.03
N SER C 117 11.48 2.82 -2.12
CA SER C 117 12.17 4.11 -2.00
C SER C 117 13.66 3.80 -2.05
N VAL C 118 14.46 4.70 -1.48
CA VAL C 118 15.89 4.49 -1.32
C VAL C 118 16.23 4.80 0.13
N ARG C 119 16.97 3.91 0.77
CA ARG C 119 17.13 4.01 2.22
C ARG C 119 18.02 5.19 2.58
N PRO C 120 17.68 5.93 3.63
CA PRO C 120 18.52 7.07 4.05
C PRO C 120 19.83 6.58 4.67
N GLU C 121 20.94 7.06 4.13
CA GLU C 121 22.26 6.68 4.64
C GLU C 121 23.24 7.79 4.35
N VAL C 122 24.28 7.87 5.19
CA VAL C 122 25.39 8.76 4.99
C VAL C 122 26.68 7.96 5.24
N PRO C 123 27.54 7.80 4.23
CA PRO C 123 28.75 7.01 4.44
C PRO C 123 29.66 7.65 5.49
N ALA C 124 30.51 6.82 6.07
CA ALA C 124 31.35 7.27 7.18
C ALA C 124 32.35 8.32 6.72
N GLY C 125 32.61 9.30 7.59
CA GLY C 125 33.59 10.33 7.31
C GLY C 125 33.17 11.36 6.27
N TYR C 126 31.91 11.35 5.85
CA TYR C 126 31.46 12.29 4.82
C TYR C 126 31.61 13.73 5.30
N GLU C 127 32.16 14.57 4.44
CA GLU C 127 32.30 16.00 4.71
C GLU C 127 31.91 16.78 3.46
N ALA C 128 31.43 18.00 3.66
CA ALA C 128 30.99 18.83 2.55
C ALA C 128 31.00 20.29 2.97
N SER C 129 31.51 21.13 2.07
CA SER C 129 31.48 22.58 2.25
C SER C 129 30.61 23.29 1.22
N TRP C 130 30.19 22.59 0.16
CA TRP C 130 29.35 23.12 -0.89
C TRP C 130 28.10 22.24 -1.03
N PRO C 131 26.92 22.84 -1.26
CA PRO C 131 26.61 24.27 -1.42
C PRO C 131 26.73 25.10 -0.14
N THR C 132 26.66 24.45 1.02
CA THR C 132 26.84 25.13 2.30
C THR C 132 27.68 24.23 3.21
N GLN C 133 28.15 24.82 4.30
CA GLN C 133 28.94 24.06 5.28
C GLN C 133 28.08 22.96 5.89
N ASP C 134 28.61 21.73 5.86
CA ASP C 134 28.00 20.56 6.47
C ASP C 134 26.72 20.13 5.77
N HIS C 135 26.60 20.45 4.49
CA HIS C 135 25.43 20.07 3.70
C HIS C 135 25.25 18.56 3.69
N MET C 136 24.09 18.10 4.16
CA MET C 136 23.76 16.69 4.04
C MET C 136 23.87 16.25 2.58
N PRO C 137 24.34 15.03 2.31
CA PRO C 137 24.35 14.56 0.93
C PRO C 137 22.93 14.40 0.43
N GLY C 138 22.75 14.58 -0.87
CA GLY C 138 21.44 14.46 -1.45
C GLY C 138 21.30 15.39 -2.65
N LEU C 139 20.07 15.84 -2.87
CA LEU C 139 19.78 16.84 -3.90
C LEU C 139 19.79 18.23 -3.28
N HIS C 140 20.18 19.21 -4.08
CA HIS C 140 19.92 20.61 -3.77
C HIS C 140 19.12 21.18 -4.93
N LEU C 141 17.82 21.35 -4.71
CA LEU C 141 16.94 21.89 -5.73
C LEU C 141 17.10 23.39 -5.81
N VAL C 142 17.10 23.90 -7.04
CA VAL C 142 17.09 25.32 -7.35
C VAL C 142 15.75 25.53 -8.03
N VAL C 143 14.77 26.05 -7.30
CA VAL C 143 13.41 26.11 -7.84
C VAL C 143 13.05 27.56 -8.14
N GLY C 144 12.06 27.74 -8.99
N GLY C 144 12.06 27.74 -8.99
CA GLY C 144 11.68 29.05 -9.47
CA GLY C 144 11.68 29.05 -9.47
C GLY C 144 11.17 28.94 -10.89
C GLY C 144 11.17 28.94 -10.89
N GLY C 145 11.10 30.08 -11.57
CA GLY C 145 10.69 30.04 -12.95
C GLY C 145 11.36 31.09 -13.79
N THR C 146 12.58 31.46 -13.43
CA THR C 146 13.22 32.62 -14.03
C THR C 146 14.44 32.11 -14.78
N GLY C 147 14.32 32.05 -16.11
CA GLY C 147 15.42 31.55 -16.92
C GLY C 147 16.69 32.34 -16.71
N ALA C 148 16.59 33.67 -16.77
CA ALA C 148 17.73 34.53 -16.48
C ALA C 148 18.21 34.32 -15.04
N GLY C 149 17.27 34.17 -14.09
CA GLY C 149 17.66 34.11 -12.68
C GLY C 149 18.38 32.81 -12.36
N LYS C 150 17.83 31.70 -12.86
CA LYS C 150 18.39 30.40 -12.48
C LYS C 150 19.73 30.14 -13.16
N SER C 151 19.87 30.49 -14.45
CA SER C 151 21.19 30.44 -15.07
C SER C 151 22.18 31.33 -14.32
N SER C 152 21.77 32.57 -14.02
CA SER C 152 22.64 33.47 -13.26
C SER C 152 23.01 32.90 -11.90
N TYR C 153 22.11 32.16 -11.26
CA TYR C 153 22.44 31.52 -9.99
C TYR C 153 23.38 30.34 -10.20
N LEU C 154 23.14 29.52 -11.23
CA LEU C 154 24.05 28.42 -11.52
C LEU C 154 25.45 28.92 -11.87
N ALA C 155 25.53 30.06 -12.56
CA ALA C 155 26.82 30.62 -12.94
C ALA C 155 27.63 31.08 -11.74
N SER C 156 26.99 31.29 -10.60
CA SER C 156 27.69 31.78 -9.41
C SER C 156 28.28 30.65 -8.57
N GLN C 157 27.84 29.41 -8.75
CA GLN C 157 28.24 28.30 -7.89
C GLN C 157 29.55 27.65 -8.31
N ASP C 158 30.26 28.21 -9.29
CA ASP C 158 31.54 27.67 -9.76
C ASP C 158 31.41 26.20 -10.11
N LEU C 159 30.38 25.91 -10.89
CA LEU C 159 30.07 24.56 -11.34
C LEU C 159 31.13 24.14 -12.34
N THR C 160 31.52 22.86 -12.31
CA THR C 160 32.48 22.41 -13.30
C THR C 160 31.86 22.38 -14.70
N LEU C 161 30.60 21.96 -14.80
CA LEU C 161 29.80 22.17 -16.00
C LEU C 161 28.33 21.99 -15.60
N VAL C 162 27.45 22.19 -16.58
CA VAL C 162 26.01 22.04 -16.39
C VAL C 162 25.53 20.91 -17.28
N ILE C 163 24.90 19.91 -16.69
CA ILE C 163 24.28 18.82 -17.43
C ILE C 163 22.93 19.32 -17.95
N ARG C 164 22.84 19.48 -19.26
CA ARG C 164 21.63 20.04 -19.88
C ARG C 164 20.73 18.90 -20.35
N TRP C 165 19.46 18.94 -19.91
CA TRP C 165 18.52 17.86 -20.19
C TRP C 165 17.11 18.42 -20.21
N GLY C 166 16.37 18.09 -21.28
CA GLY C 166 14.97 18.41 -21.36
C GLY C 166 14.63 19.86 -21.61
N GLU C 167 15.62 20.70 -21.91
CA GLU C 167 15.43 22.12 -22.13
C GLU C 167 15.77 22.48 -23.56
N PRO C 168 15.12 23.50 -24.13
CA PRO C 168 15.43 23.88 -25.52
C PRO C 168 16.85 24.40 -25.63
N ALA C 169 17.49 24.08 -26.74
CA ALA C 169 18.87 24.52 -26.97
C ALA C 169 18.93 26.04 -27.02
N GLU C 170 19.97 26.59 -26.44
CA GLU C 170 20.21 28.01 -26.43
C GLU C 170 21.68 28.30 -26.49
N ARG C 171 22.02 29.57 -26.50
CA ARG C 171 23.39 30.06 -26.56
C ARG C 171 24.34 29.37 -25.61
N PHE C 172 23.93 29.19 -24.38
CA PHE C 172 24.74 28.52 -23.40
C PHE C 172 25.19 27.15 -23.84
N ASP C 173 24.35 26.41 -24.55
CA ASP C 173 24.74 25.06 -24.95
C ASP C 173 25.93 25.08 -25.92
N VAL C 174 26.11 26.19 -26.58
CA VAL C 174 27.17 26.32 -27.52
C VAL C 174 28.32 27.02 -26.86
N GLU C 175 27.97 28.00 -26.07
CA GLU C 175 28.93 28.85 -25.39
C GLU C 175 29.59 28.32 -24.14
N GLY C 176 28.79 28.00 -23.15
CA GLY C 176 29.27 27.57 -21.87
C GLY C 176 29.84 26.21 -21.64
N ALA C 177 30.15 25.93 -20.38
CA ALA C 177 30.68 24.66 -19.99
C ALA C 177 29.46 23.86 -19.71
N THR C 178 29.16 23.00 -20.65
CA THR C 178 27.94 22.22 -20.64
C THR C 178 28.23 20.79 -21.08
N HIS C 179 27.27 19.90 -20.82
CA HIS C 179 27.26 18.57 -21.43
C HIS C 179 25.80 18.16 -21.60
N ALA C 180 25.34 18.14 -22.84
CA ALA C 180 23.96 17.78 -23.12
C ALA C 180 23.76 16.27 -23.01
N VAL C 181 22.62 15.87 -22.44
CA VAL C 181 22.22 14.47 -22.37
C VAL C 181 20.77 14.37 -22.79
N SER C 182 20.29 13.13 -22.93
CA SER C 182 18.98 12.88 -23.52
C SER C 182 17.96 12.27 -22.58
N ASP C 183 18.37 11.53 -21.55
CA ASP C 183 17.42 10.83 -20.70
C ASP C 183 17.86 10.86 -19.26
N LEU C 184 16.97 10.40 -18.37
CA LEU C 184 17.21 10.48 -16.93
C LEU C 184 18.40 9.62 -16.52
N ASN C 185 18.58 8.46 -17.16
CA ASN C 185 19.73 7.61 -16.85
C ASN C 185 21.04 8.37 -16.93
N GLU C 186 21.30 8.98 -18.10
CA GLU C 186 22.59 9.62 -18.32
C GLU C 186 22.69 10.95 -17.57
N ALA C 187 21.57 11.64 -17.35
CA ALA C 187 21.58 12.82 -16.49
C ALA C 187 22.11 12.46 -15.11
N LEU C 188 21.57 11.40 -14.51
CA LEU C 188 22.01 10.98 -13.19
C LEU C 188 23.42 10.40 -13.21
N ALA C 189 23.70 9.55 -14.22
CA ALA C 189 25.02 8.94 -14.33
C ALA C 189 26.12 9.99 -14.40
N VAL C 190 25.93 10.99 -15.27
CA VAL C 190 26.95 12.03 -15.44
C VAL C 190 27.09 12.84 -14.15
N ALA C 191 25.97 13.13 -13.48
CA ALA C 191 26.05 13.84 -12.20
C ALA C 191 26.79 13.01 -11.16
N PHE C 192 26.44 11.72 -11.06
CA PHE C 192 27.08 10.85 -10.07
C PHE C 192 28.58 10.74 -10.33
N VAL C 193 28.96 10.45 -11.58
CA VAL C 193 30.37 10.30 -11.92
C VAL C 193 31.14 11.58 -11.65
N MET C 194 30.51 12.73 -11.91
CA MET C 194 31.18 14.00 -11.67
C MET C 194 31.39 14.26 -10.18
N ALA C 195 30.31 14.16 -9.39
CA ALA C 195 30.42 14.43 -7.95
C ALA C 195 31.35 13.43 -7.28
N ARG C 196 31.25 12.15 -7.64
CA ARG C 196 32.14 11.14 -7.08
C ARG C 196 33.60 11.47 -7.36
N ALA C 197 33.89 12.00 -8.55
CA ALA C 197 35.25 12.35 -8.92
C ALA C 197 35.71 13.66 -8.29
N GLY C 198 34.84 14.37 -7.58
CA GLY C 198 35.21 15.61 -6.93
C GLY C 198 34.81 16.87 -7.68
N TYR C 199 34.16 16.75 -8.84
CA TYR C 199 33.69 17.91 -9.57
C TYR C 199 32.30 18.32 -9.07
N ARG C 200 31.85 19.48 -9.57
CA ARG C 200 30.57 20.05 -9.13
C ARG C 200 29.55 19.99 -10.25
N PRO C 201 28.65 19.01 -10.26
CA PRO C 201 27.62 18.96 -11.29
C PRO C 201 26.35 19.71 -10.88
N ALA C 202 25.67 20.22 -11.90
CA ALA C 202 24.30 20.69 -11.77
C ALA C 202 23.50 20.19 -12.98
N ILE C 203 22.26 19.81 -12.72
CA ILE C 203 21.36 19.30 -13.75
C ILE C 203 20.34 20.37 -14.07
N ASP C 204 20.38 20.88 -15.30
CA ASP C 204 19.39 21.82 -15.81
C ASP C 204 18.72 21.16 -17.01
N SER C 205 17.56 20.52 -16.80
CA SER C 205 16.80 20.55 -15.56
C SER C 205 15.99 19.24 -15.38
N PHE C 206 15.23 19.12 -14.29
CA PHE C 206 14.27 18.03 -14.13
C PHE C 206 12.92 18.34 -14.77
N ARG C 207 12.90 19.20 -15.79
CA ARG C 207 11.66 19.55 -16.45
C ARG C 207 10.86 18.30 -16.85
N ASN C 208 11.55 17.25 -17.29
CA ASN C 208 10.84 16.07 -17.78
C ASN C 208 10.33 15.17 -16.67
N LEU C 209 10.94 15.17 -15.47
CA LEU C 209 10.25 14.55 -14.34
C LEU C 209 8.96 15.28 -14.01
N VAL C 210 9.00 16.61 -13.98
CA VAL C 210 7.79 17.37 -13.66
C VAL C 210 6.69 17.04 -14.67
N PHE C 211 7.06 17.00 -15.96
CA PHE C 211 6.06 16.74 -17.00
C PHE C 211 5.69 15.26 -17.08
N GLY C 212 6.65 14.36 -16.88
CA GLY C 212 6.44 12.96 -17.16
C GLY C 212 5.88 12.13 -16.02
N ILE C 213 6.05 12.61 -14.79
CA ILE C 213 5.56 11.91 -13.60
C ILE C 213 4.14 12.38 -13.32
N GLU C 214 3.19 11.47 -13.46
CA GLU C 214 1.76 11.79 -13.58
C GLU C 214 1.04 11.01 -12.50
N SER C 215 0.59 11.69 -11.44
CA SER C 215 -0.21 11.02 -10.43
C SER C 215 -1.27 11.95 -9.88
N GLY C 220 -0.60 20.76 -3.12
CA GLY C 220 -1.75 20.73 -4.00
C GLY C 220 -1.47 21.29 -5.38
N GLY C 221 -1.48 20.43 -6.39
CA GLY C 221 -1.31 20.88 -7.75
C GLY C 221 -0.35 20.02 -8.54
N ILE C 222 0.61 19.40 -7.87
CA ILE C 222 1.69 18.68 -8.52
C ILE C 222 1.53 17.21 -8.19
N SER C 223 1.78 16.34 -9.18
CA SER C 223 1.71 14.91 -8.94
C SER C 223 2.51 14.54 -7.69
N THR C 224 1.84 13.87 -6.74
CA THR C 224 2.53 13.49 -5.51
C THR C 224 3.77 12.65 -5.79
N ALA C 225 3.76 11.89 -6.89
CA ALA C 225 4.89 11.04 -7.21
C ALA C 225 6.16 11.83 -7.52
N LEU C 226 6.03 13.10 -7.90
CA LEU C 226 7.23 13.94 -8.05
C LEU C 226 7.98 14.04 -6.73
N TYR C 227 7.25 14.13 -5.61
CA TYR C 227 7.91 14.29 -4.32
C TYR C 227 8.68 13.04 -3.93
N SER C 228 8.07 11.85 -4.09
CA SER C 228 8.78 10.62 -3.76
C SER C 228 9.96 10.38 -4.71
N ALA C 229 9.81 10.72 -5.99
CA ALA C 229 10.91 10.60 -6.92
C ALA C 229 12.08 11.49 -6.53
N MET C 230 11.80 12.65 -5.94
CA MET C 230 12.88 13.50 -5.44
C MET C 230 13.51 12.89 -4.20
N THR C 231 12.70 12.32 -3.31
CA THR C 231 13.25 11.66 -2.13
C THR C 231 14.09 10.45 -2.52
N ALA C 232 13.61 9.65 -3.47
CA ALA C 232 14.38 8.50 -3.94
C ALA C 232 15.72 8.93 -4.50
N ILE C 233 15.71 9.91 -5.42
CA ILE C 233 16.96 10.38 -6.02
C ILE C 233 17.82 11.08 -4.98
N ASN C 234 17.21 11.89 -4.10
CA ASN C 234 17.94 12.50 -3.00
C ASN C 234 18.67 11.45 -2.17
N ASN C 235 18.00 10.35 -1.85
CA ASN C 235 18.58 9.36 -0.96
C ASN C 235 19.63 8.50 -1.65
N VAL C 236 19.56 8.34 -2.97
CA VAL C 236 20.68 7.75 -3.70
C VAL C 236 21.93 8.60 -3.49
N CYS C 237 21.79 9.91 -3.71
CA CYS C 237 22.93 10.82 -3.53
C CYS C 237 23.49 10.74 -2.12
N SER C 238 22.62 10.55 -1.13
CA SER C 238 23.10 10.47 0.25
C SER C 238 23.86 9.18 0.49
N ARG C 239 23.38 8.07 -0.08
CA ARG C 239 24.14 6.82 0.02
C ARG C 239 25.49 6.94 -0.68
N LEU C 240 25.56 7.71 -1.75
CA LEU C 240 26.81 7.92 -2.46
C LEU C 240 27.68 9.00 -1.81
N GLY C 241 27.16 9.73 -0.83
CA GLY C 241 27.92 10.79 -0.20
C GLY C 241 28.20 11.97 -1.11
N ILE C 242 27.22 12.36 -1.93
CA ILE C 242 27.39 13.46 -2.87
C ILE C 242 26.22 14.43 -2.74
N VAL C 243 26.43 15.63 -3.30
CA VAL C 243 25.38 16.61 -3.50
C VAL C 243 25.27 16.89 -4.99
N VAL C 244 24.06 16.79 -5.52
CA VAL C 244 23.78 17.12 -6.90
C VAL C 244 22.79 18.28 -6.91
N MET C 245 23.21 19.40 -7.48
CA MET C 245 22.33 20.55 -7.64
C MET C 245 21.46 20.37 -8.87
N VAL C 246 20.15 20.56 -8.72
CA VAL C 246 19.20 20.28 -9.79
C VAL C 246 18.22 21.44 -9.91
N VAL C 247 18.03 21.91 -11.15
CA VAL C 247 17.03 22.93 -11.44
C VAL C 247 15.68 22.26 -11.61
N VAL C 248 14.66 22.77 -10.92
CA VAL C 248 13.33 22.17 -10.95
C VAL C 248 12.30 23.29 -10.98
N ASN C 249 11.46 23.32 -12.01
CA ASN C 249 10.35 24.26 -12.11
C ASN C 249 9.05 23.47 -11.99
N PRO C 250 8.36 23.54 -10.85
CA PRO C 250 7.19 22.67 -10.65
C PRO C 250 5.92 23.13 -11.33
N MET C 251 5.89 24.29 -11.99
CA MET C 251 4.73 24.71 -12.79
C MET C 251 3.48 24.88 -11.93
N ALA C 252 3.64 25.47 -10.75
CA ALA C 252 2.52 25.64 -9.84
C ALA C 252 1.84 26.99 -10.07
N THR C 253 0.53 27.02 -9.83
CA THR C 253 -0.17 28.30 -9.76
C THR C 253 0.48 29.17 -8.70
N GLU C 254 0.42 30.48 -8.90
CA GLU C 254 1.04 31.38 -7.93
C GLU C 254 0.41 31.23 -6.54
N ALA C 255 -0.87 30.91 -6.49
CA ALA C 255 -1.54 30.70 -5.21
C ALA C 255 -0.90 29.55 -4.44
N LYS C 256 -0.85 28.37 -5.06
CA LYS C 256 -0.40 27.15 -4.40
C LYS C 256 1.11 26.96 -4.43
N ALA C 257 1.87 28.00 -4.79
CA ALA C 257 3.30 27.83 -4.99
C ALA C 257 4.05 27.62 -3.67
N GLU C 258 3.60 28.27 -2.59
CA GLU C 258 4.30 28.11 -1.32
C GLU C 258 4.10 26.71 -0.74
N LEU C 259 2.90 26.16 -0.88
CA LEU C 259 2.67 24.76 -0.51
C LEU C 259 3.58 23.82 -1.29
N VAL C 260 3.66 23.99 -2.61
CA VAL C 260 4.45 23.08 -3.41
C VAL C 260 5.92 23.19 -3.04
N TYR C 261 6.41 24.40 -2.81
CA TYR C 261 7.80 24.59 -2.43
C TYR C 261 8.10 23.97 -1.08
N ASN C 262 7.12 23.97 -0.17
CA ASN C 262 7.32 23.35 1.14
C ASN C 262 7.32 21.83 1.03
N ASN C 263 6.45 21.28 0.18
CA ASN C 263 6.46 19.84 -0.08
C ASN C 263 7.80 19.42 -0.69
N MET C 264 8.34 20.24 -1.59
CA MET C 264 9.60 19.89 -2.25
C MET C 264 10.77 19.98 -1.29
N ALA C 265 10.78 21.01 -0.44
CA ALA C 265 11.84 21.12 0.56
C ALA C 265 11.81 19.95 1.53
N ALA C 266 10.62 19.41 1.80
CA ALA C 266 10.49 18.28 2.71
C ALA C 266 10.95 16.97 2.10
N SER C 267 11.28 16.95 0.81
CA SER C 267 11.65 15.72 0.12
C SER C 267 13.14 15.56 -0.10
N VAL C 268 13.95 16.59 0.19
CA VAL C 268 15.33 16.65 -0.27
C VAL C 268 16.22 17.22 0.83
N ALA C 269 17.53 17.14 0.57
CA ALA C 269 18.53 17.67 1.50
C ALA C 269 18.48 19.19 1.57
N GLY C 270 18.35 19.85 0.43
CA GLY C 270 18.38 21.30 0.39
C GLY C 270 17.58 21.86 -0.77
N MET C 271 17.27 23.15 -0.67
CA MET C 271 16.48 23.79 -1.70
C MET C 271 16.65 25.31 -1.63
N THR C 272 16.99 25.91 -2.76
CA THR C 272 17.13 27.35 -2.91
C THR C 272 15.98 27.85 -3.77
N VAL C 273 15.27 28.88 -3.28
CA VAL C 273 14.15 29.44 -4.01
C VAL C 273 14.58 30.75 -4.66
N LEU C 274 14.14 30.94 -5.90
CA LEU C 274 14.53 32.08 -6.71
C LEU C 274 13.29 32.86 -7.12
N MET C 275 13.33 34.17 -6.90
CA MET C 275 12.21 35.06 -7.16
C MET C 275 12.71 36.24 -7.97
N ASP C 276 12.12 36.44 -9.15
CA ASP C 276 12.34 37.61 -9.99
C ASP C 276 13.82 37.97 -10.10
N GLY C 277 14.64 36.94 -10.30
CA GLY C 277 16.05 37.11 -10.56
C GLY C 277 16.97 37.12 -9.35
N ALA C 278 16.49 36.72 -8.18
CA ALA C 278 17.34 36.72 -7.00
C ALA C 278 16.93 35.59 -6.05
N VAL C 279 17.92 35.06 -5.35
CA VAL C 279 17.71 34.02 -4.34
C VAL C 279 16.95 34.60 -3.17
N SER C 280 15.74 34.11 -2.92
CA SER C 280 14.95 34.61 -1.81
C SER C 280 15.03 33.73 -0.57
N LYS C 281 15.04 32.42 -0.75
CA LYS C 281 14.94 31.48 0.37
C LYS C 281 15.93 30.34 0.17
N GLN C 282 16.42 29.78 1.27
CA GLN C 282 17.32 28.63 1.21
C GLN C 282 17.19 27.78 2.47
N THR C 283 16.80 26.53 2.28
CA THR C 283 16.66 25.56 3.36
C THR C 283 17.64 24.42 3.12
N VAL C 284 18.40 24.03 4.14
CA VAL C 284 19.45 23.03 4.00
C VAL C 284 19.56 22.15 5.25
N ARG C 285 19.30 20.85 5.10
CA ARG C 285 19.61 19.90 6.15
C ARG C 285 21.12 19.74 6.26
N THR C 286 21.65 19.83 7.48
CA THR C 286 23.08 19.76 7.69
C THR C 286 23.42 18.64 8.67
N LEU C 287 24.72 18.40 8.81
CA LEU C 287 25.27 17.42 9.73
C LEU C 287 25.97 18.14 10.88
N SER C 288 26.18 17.39 11.96
CA SER C 288 26.96 17.82 13.13
C SER C 288 26.75 19.29 13.52
#